data_7PB8
#
_entry.id   7PB8
#
_cell.length_a   199.614
_cell.length_b   51.299
_cell.length_c   109.999
_cell.angle_alpha   90.000
_cell.angle_beta   117.490
_cell.angle_gamma   90.000
#
_symmetry.space_group_name_H-M   'C 1 2 1'
#
loop_
_entity.id
_entity.type
_entity.pdbx_description
1 polymer 'Centromere protein O'
2 polymer 'Centromere protein Q'
3 polymer 'Centromere protein U'
4 polymer 'Centromere protein P'
5 polymer 'Centromere protein R'
6 water water
#
loop_
_entity_poly.entity_id
_entity_poly.type
_entity_poly.pdbx_seq_one_letter_code
_entity_poly.pdbx_strand_id
1 'polypeptide(L)'
;MEQANPLRPDGESKGGVLAHLERLETQVSRSRKQSEELQSVQAQEGALGTKIHKLRRLRDELRAVVRHRRASVKACIANV
EPNQTVEINEQEALEEKLENVKAILQAYHFTGLSGKLTSRGVCVCISTAFEGNLLDSYFVDLVIQKPLRIHHHSVPVFIP
LEEIAAKYLQTNIQHFLFSLCEYLNAYSGRKYQADRLQSDFAALLTGPLQRNPLCNLLSFTYKLDPGGQSFPFCARLLYK
DLTATLPTDVTVTCQGVEVLSTSWEEQRASHETLFCTKPLHQVFASFTRKGEKLDMSLVS
;
O
2 'polypeptide(L)'
;MDLTNVSSLLNMERARDKANEEGLALLQEEIDKMVETTELMTGNIQSLKNKIQILASEVEEEEERVKQMHQINSSGVLSL
PELSQKTLKAPTLQKEILALIPNQNALLKDLDILHNSSQMKSMSTFIEEAYKKLDAS
;
Q
3 'polypeptide(L)'
;MAPRGRRRPRPHRSEGARRSKNTLERTHSMKDKAGQKCKPIDVFDFPDNSDVSSIGRLGENEKDEETYETFDPPLHSTAI
YADEEEFSKHCGLSLSSTPPGKEAKRSSDTSGNEASEIESVKISAKKPGRKLRPISDDSESIEESDTRRKVKSAEKISTQ
RHEVIRTTASSELSEKPAESVTSKKTGPLSAQPSVEKENLAIESQSKTQKKGKISHDKRKKSRSKAIGSDTSDIVHIWCP
EGMKTSDIKELNIVLPEFEKTHLEHQQRIESKVCKAAIATFYVNVKEQFIKMLKESQMLTNLKRKNAKMISDIEKKRQRM
IEVQDELLRLEPQLKQLQTKYDELKERKSSLRNAAYFLSNLKQLYQDYSDVQAQEPNVKETYDSSSLPALLFKARTLLGA
ESHLRNINHQLEKLLDQG
;
U
4 'polypeptide(L)'
;MDAELAEVRALQAEIAALRRACEDPPAPWEEKSRVQKSFQAIHQFNLEGWKSSKDLKNQLGHLESELSFLSTLTGINIRN
HSKQTEDLTSTEMTEKSIRKVLQRHRLSGNCHMVTFQLEFQILEIQNKERLSSAVTDLNIIMEPTECSELSEFVSRAEER
KDLFMFFRSLHFFVEWFEYRKRTFKHLKEKYPDAVYLSEGPSSCSMGIRSASRPGFELVIVWRIQIDEDGKVFPKLDLLT
KVPQRALELDKNRAIETAPLSFRTLVGLLGIEAALESLIKSLCAEENNENLYFQ
;
P
5 'polypeptide(L)'
;MPVKRSLKLDGLLEENSFDPSKITRKKSVITYSPTTGTCQMSLFASPTSSEEQKHRNGLSNEKRKKLNHPSLTESKESTT
KDNDEFMMLLSKVEKLSEEIMEIMQNLSSIQALEGSRELENLIGISCASHFLKREMQKTKELMTKVNKQKLFEKSTGLPH
KASRHLDSYEFLKAILN
;
R
#
# COMPACT_ATOMS: atom_id res chain seq x y z
N ASN A 89 -41.32 -3.70 -31.23
CA ASN A 89 -42.56 -3.59 -30.46
C ASN A 89 -42.43 -2.54 -29.37
N GLU A 90 -41.22 -1.97 -29.25
CA GLU A 90 -40.85 -1.03 -28.19
C GLU A 90 -41.03 -1.59 -26.79
N GLN A 91 -41.44 -2.86 -26.69
CA GLN A 91 -41.40 -3.63 -25.46
C GLN A 91 -40.37 -4.75 -25.54
N GLU A 92 -40.40 -5.54 -26.62
CA GLU A 92 -39.40 -6.57 -26.86
C GLU A 92 -37.98 -6.00 -26.90
N ALA A 93 -37.84 -4.70 -27.14
CA ALA A 93 -36.52 -4.09 -27.22
C ALA A 93 -35.96 -3.77 -25.83
N LEU A 94 -36.76 -3.11 -24.98
CA LEU A 94 -36.33 -2.71 -23.65
C LEU A 94 -36.22 -3.88 -22.69
N GLU A 95 -36.63 -5.09 -23.10
CA GLU A 95 -36.57 -6.27 -22.24
C GLU A 95 -35.15 -6.82 -22.12
N GLU A 96 -34.29 -6.58 -23.12
CA GLU A 96 -32.95 -7.16 -23.12
C GLU A 96 -32.07 -6.54 -22.05
N LYS A 97 -32.19 -5.24 -21.82
CA LYS A 97 -31.29 -4.54 -20.91
C LYS A 97 -31.85 -4.40 -19.50
N LEU A 98 -33.17 -4.47 -19.32
CA LEU A 98 -33.74 -4.29 -17.98
C LEU A 98 -33.46 -5.50 -17.10
N GLU A 99 -33.57 -6.72 -17.64
CA GLU A 99 -33.21 -7.89 -16.84
C GLU A 99 -31.71 -7.91 -16.53
N ASN A 100 -30.89 -7.35 -17.43
CA ASN A 100 -29.44 -7.32 -17.20
C ASN A 100 -29.01 -6.14 -16.33
N VAL A 101 -29.69 -4.99 -16.43
CA VAL A 101 -29.32 -3.84 -15.60
C VAL A 101 -29.84 -4.00 -14.17
N LYS A 102 -30.92 -4.76 -13.96
CA LYS A 102 -31.44 -4.93 -12.61
C LYS A 102 -30.64 -5.95 -11.80
N ALA A 103 -29.84 -6.78 -12.47
CA ALA A 103 -29.00 -7.78 -11.82
C ALA A 103 -27.55 -7.38 -11.71
N ILE A 104 -27.03 -6.58 -12.64
CA ILE A 104 -25.68 -6.07 -12.46
C ILE A 104 -25.68 -4.93 -11.43
N LEU A 105 -26.82 -4.26 -11.25
CA LEU A 105 -26.97 -3.36 -10.11
C LEU A 105 -26.99 -4.13 -8.80
N GLN A 106 -27.59 -5.32 -8.80
CA GLN A 106 -27.49 -6.19 -7.63
C GLN A 106 -26.14 -6.88 -7.54
N ALA A 107 -25.25 -6.67 -8.50
CA ALA A 107 -23.90 -7.20 -8.42
C ALA A 107 -22.95 -6.28 -7.66
N TYR A 108 -23.27 -4.98 -7.53
CA TYR A 108 -22.43 -4.11 -6.71
C TYR A 108 -22.45 -4.54 -5.26
N HIS A 109 -23.55 -5.15 -4.81
CA HIS A 109 -23.61 -5.66 -3.45
C HIS A 109 -22.68 -6.84 -3.26
N PHE A 110 -22.34 -7.54 -4.35
CA PHE A 110 -21.37 -8.62 -4.24
C PHE A 110 -19.95 -8.07 -4.16
N THR A 111 -19.69 -6.90 -4.75
CA THR A 111 -18.35 -6.33 -4.77
C THR A 111 -18.03 -5.56 -3.49
N GLY A 112 -19.05 -4.97 -2.88
CA GLY A 112 -18.90 -4.20 -1.67
C GLY A 112 -20.19 -3.48 -1.38
N LEU A 113 -20.10 -2.17 -1.14
CA LEU A 113 -21.30 -1.37 -0.97
C LEU A 113 -21.98 -1.14 -2.33
N SER A 114 -23.30 -1.32 -2.35
CA SER A 114 -24.14 -1.05 -3.50
C SER A 114 -24.95 0.21 -3.21
N GLY A 115 -25.89 0.51 -4.09
CA GLY A 115 -26.64 1.74 -3.98
C GLY A 115 -28.03 1.71 -4.58
N LYS A 116 -28.99 2.27 -3.85
CA LYS A 116 -30.37 2.42 -4.31
C LYS A 116 -30.74 3.88 -4.18
N LEU A 117 -30.97 4.54 -5.31
CA LEU A 117 -31.40 5.94 -5.30
C LEU A 117 -32.71 6.09 -4.53
N THR A 118 -32.84 7.20 -3.82
CA THR A 118 -34.08 7.51 -3.10
C THR A 118 -34.49 8.94 -3.40
N SER A 119 -35.60 9.37 -2.80
CA SER A 119 -36.11 10.72 -3.04
C SER A 119 -35.17 11.77 -2.49
N ARG A 120 -34.74 11.62 -1.24
CA ARG A 120 -33.94 12.62 -0.54
C ARG A 120 -32.45 12.31 -0.56
N GLY A 121 -32.03 11.35 -1.34
CA GLY A 121 -30.62 11.00 -1.44
C GLY A 121 -30.48 9.58 -2.00
N VAL A 122 -29.51 8.86 -1.44
CA VAL A 122 -29.21 7.50 -1.87
C VAL A 122 -28.88 6.66 -0.64
N CYS A 123 -29.21 5.38 -0.73
CA CYS A 123 -28.92 4.40 0.32
C CYS A 123 -27.65 3.64 -0.04
N VAL A 124 -26.73 3.55 0.92
CA VAL A 124 -25.43 2.94 0.71
C VAL A 124 -25.28 1.79 1.70
N CYS A 125 -25.12 0.58 1.20
CA CYS A 125 -25.17 -0.64 2.01
C CYS A 125 -23.78 -1.24 2.09
N ILE A 126 -23.00 -0.81 3.08
CA ILE A 126 -21.65 -1.35 3.26
C ILE A 126 -21.76 -2.80 3.68
N SER A 127 -21.07 -3.67 2.96
CA SER A 127 -21.11 -5.11 3.18
C SER A 127 -19.74 -5.61 3.62
N THR A 128 -19.73 -6.53 4.58
CA THR A 128 -18.50 -6.98 5.20
C THR A 128 -18.24 -8.45 4.91
N ALA A 129 -17.00 -8.86 5.10
CA ALA A 129 -16.62 -10.26 4.99
C ALA A 129 -15.30 -10.47 5.71
N PHE A 130 -15.14 -11.66 6.28
CA PHE A 130 -13.85 -12.12 6.79
C PHE A 130 -13.55 -13.45 6.13
N GLU A 131 -12.64 -13.44 5.16
CA GLU A 131 -12.21 -14.62 4.39
C GLU A 131 -13.42 -15.43 3.92
N GLY A 132 -14.12 -14.84 2.95
CA GLY A 132 -15.14 -15.54 2.18
C GLY A 132 -16.44 -15.80 2.91
N ASN A 133 -16.35 -15.81 4.24
CA ASN A 133 -17.49 -16.05 5.11
C ASN A 133 -18.18 -14.71 5.36
N LEU A 134 -19.33 -14.52 4.73
CA LEU A 134 -19.98 -13.21 4.76
C LEU A 134 -20.58 -12.95 6.13
N LEU A 135 -20.30 -11.75 6.68
CA LEU A 135 -20.97 -11.30 7.88
C LEU A 135 -22.02 -10.23 7.52
N ASP A 136 -22.42 -9.46 8.52
CA ASP A 136 -23.60 -8.60 8.39
C ASP A 136 -23.30 -7.36 7.56
N SER A 137 -24.31 -6.87 6.86
CA SER A 137 -24.21 -5.65 6.06
C SER A 137 -24.57 -4.44 6.91
N TYR A 138 -24.39 -3.25 6.34
CA TYR A 138 -24.66 -2.02 7.08
C TYR A 138 -25.05 -0.93 6.08
N PHE A 139 -26.25 -0.39 6.22
CA PHE A 139 -26.74 0.61 5.29
C PHE A 139 -26.64 1.98 5.94
N VAL A 140 -26.13 2.95 5.18
CA VAL A 140 -25.89 4.31 5.68
C VAL A 140 -26.59 5.26 4.71
N ASP A 141 -27.82 5.65 5.03
CA ASP A 141 -28.50 6.66 4.24
C ASP A 141 -27.79 8.00 4.34
N LEU A 142 -28.13 8.89 3.41
CA LEU A 142 -27.37 10.12 3.20
C LEU A 142 -28.12 11.02 2.23
N VAL A 143 -28.12 12.32 2.47
CA VAL A 143 -28.89 13.27 1.68
C VAL A 143 -27.96 14.04 0.76
N ILE A 144 -28.39 14.22 -0.49
CA ILE A 144 -27.57 14.86 -1.51
C ILE A 144 -27.76 16.37 -1.43
N GLN A 145 -27.20 17.00 -0.39
CA GLN A 145 -27.35 18.41 -0.14
C GLN A 145 -26.06 18.95 0.47
N LYS A 146 -25.99 20.27 0.60
CA LYS A 146 -24.79 20.89 1.13
C LYS A 146 -25.12 21.73 2.35
N PRO A 147 -24.49 21.46 3.51
CA PRO A 147 -23.53 20.37 3.70
C PRO A 147 -24.22 19.01 3.84
N LEU A 148 -23.53 17.94 3.43
CA LEU A 148 -24.09 16.61 3.45
C LEU A 148 -24.49 16.22 4.87
N ARG A 149 -25.69 15.67 5.01
CA ARG A 149 -26.16 15.16 6.29
C ARG A 149 -26.55 13.70 6.13
N ILE A 150 -26.12 12.89 7.09
CA ILE A 150 -26.50 11.48 7.15
C ILE A 150 -27.91 11.41 7.72
N HIS A 151 -28.86 10.88 6.92
CA HIS A 151 -30.23 10.75 7.41
C HIS A 151 -30.27 9.73 8.54
N HIS A 152 -29.94 8.48 8.24
CA HIS A 152 -29.78 7.43 9.24
C HIS A 152 -28.59 6.55 8.89
N HIS A 153 -28.05 5.86 9.89
CA HIS A 153 -26.92 4.94 9.68
C HIS A 153 -27.07 3.74 10.58
N SER A 154 -27.10 2.53 9.99
CA SER A 154 -27.23 1.32 10.78
C SER A 154 -25.88 0.82 11.32
N VAL A 155 -24.79 1.51 11.01
CA VAL A 155 -23.48 1.13 11.55
C VAL A 155 -23.51 1.42 13.05
N PRO A 156 -22.80 0.65 13.87
CA PRO A 156 -22.81 0.91 15.31
C PRO A 156 -22.28 2.30 15.60
N VAL A 157 -22.88 2.95 16.61
CA VAL A 157 -22.25 4.10 17.21
C VAL A 157 -20.96 3.72 17.93
N PHE A 158 -20.72 2.41 18.07
CA PHE A 158 -19.51 1.94 18.74
C PHE A 158 -18.27 2.21 17.89
N ILE A 159 -18.38 2.04 16.58
CA ILE A 159 -17.28 2.40 15.68
C ILE A 159 -17.21 3.92 15.61
N PRO A 160 -16.03 4.51 15.34
CA PRO A 160 -15.95 5.98 15.21
C PRO A 160 -16.42 6.48 13.84
N LEU A 161 -17.73 6.39 13.60
CA LEU A 161 -18.27 6.94 12.37
C LEU A 161 -18.16 8.45 12.34
N GLU A 162 -18.56 9.10 13.44
CA GLU A 162 -18.56 10.57 13.49
C GLU A 162 -17.16 11.14 13.30
N GLU A 163 -16.14 10.52 13.92
CA GLU A 163 -14.76 11.00 13.76
C GLU A 163 -14.32 10.91 12.31
N ILE A 164 -14.61 9.80 11.63
CA ILE A 164 -14.27 9.68 10.22
C ILE A 164 -15.25 10.45 9.35
N ALA A 165 -16.49 10.62 9.81
CA ALA A 165 -17.44 11.45 9.07
C ALA A 165 -16.87 12.85 8.84
N ALA A 166 -16.66 13.58 9.92
CA ALA A 166 -16.10 14.94 9.83
C ALA A 166 -14.86 14.96 8.95
N LYS A 167 -13.90 14.07 9.21
CA LYS A 167 -12.63 14.12 8.49
C LYS A 167 -12.84 13.93 6.99
N TYR A 168 -13.87 13.20 6.59
CA TYR A 168 -13.95 12.75 5.20
C TYR A 168 -15.35 12.81 4.59
N LEU A 169 -16.33 13.46 5.22
CA LEU A 169 -17.70 13.41 4.67
C LEU A 169 -17.88 14.40 3.52
N GLN A 170 -17.78 15.68 3.84
CA GLN A 170 -18.04 16.71 2.84
C GLN A 170 -17.06 16.59 1.67
N THR A 171 -15.81 16.29 1.98
CA THR A 171 -14.77 16.07 0.98
C THR A 171 -14.55 14.58 0.78
N ASN A 172 -14.36 14.16 -0.48
CA ASN A 172 -14.11 12.77 -0.84
C ASN A 172 -15.17 11.84 -0.27
N ILE A 173 -16.42 12.10 -0.66
CA ILE A 173 -17.53 11.26 -0.24
C ILE A 173 -17.30 9.81 -0.65
N GLN A 174 -16.58 9.59 -1.76
CA GLN A 174 -16.19 8.23 -2.11
C GLN A 174 -15.20 7.67 -1.10
N HIS A 175 -14.33 8.53 -0.56
CA HIS A 175 -13.34 8.05 0.39
C HIS A 175 -13.95 7.81 1.76
N PHE A 176 -14.91 8.65 2.15
CA PHE A 176 -15.69 8.39 3.35
C PHE A 176 -16.26 6.99 3.35
N LEU A 177 -16.83 6.57 2.22
CA LEU A 177 -17.46 5.26 2.15
C LEU A 177 -16.47 4.12 2.08
N PHE A 178 -15.17 4.40 1.94
CA PHE A 178 -14.16 3.35 1.92
C PHE A 178 -13.35 3.27 3.21
N SER A 179 -12.98 4.41 3.82
CA SER A 179 -12.41 4.33 5.15
C SER A 179 -13.41 3.71 6.12
N LEU A 180 -14.70 3.95 5.89
CA LEU A 180 -15.74 3.29 6.67
C LEU A 180 -15.67 1.77 6.50
N CYS A 181 -15.43 1.31 5.27
CA CYS A 181 -15.29 -0.13 5.04
C CYS A 181 -14.10 -0.68 5.81
N GLU A 182 -13.01 0.09 5.91
CA GLU A 182 -11.86 -0.37 6.66
C GLU A 182 -12.17 -0.59 8.14
N TYR A 183 -13.13 0.17 8.68
CA TYR A 183 -13.49 -0.03 10.08
C TYR A 183 -14.61 -1.06 10.23
N LEU A 184 -15.59 -1.06 9.33
CA LEU A 184 -16.67 -2.04 9.41
C LEU A 184 -16.18 -3.45 9.12
N ASN A 185 -15.29 -3.60 8.12
CA ASN A 185 -14.76 -4.92 7.82
C ASN A 185 -13.84 -5.41 8.93
N ALA A 186 -13.08 -4.49 9.55
CA ALA A 186 -12.21 -4.88 10.65
C ALA A 186 -13.02 -5.38 11.84
N TYR A 187 -14.14 -4.73 12.14
CA TYR A 187 -14.98 -5.19 13.24
C TYR A 187 -15.54 -6.57 12.94
N SER A 188 -16.27 -6.71 11.83
CA SER A 188 -16.78 -8.02 11.45
C SER A 188 -15.68 -9.00 11.12
N GLY A 189 -14.42 -8.54 11.02
CA GLY A 189 -13.31 -9.48 10.93
C GLY A 189 -12.89 -10.05 12.27
N ARG A 190 -13.15 -9.31 13.36
CA ARG A 190 -12.79 -9.76 14.70
C ARG A 190 -13.94 -10.51 15.36
N LYS A 191 -15.17 -10.02 15.17
CA LYS A 191 -16.33 -10.68 15.74
C LYS A 191 -16.45 -12.11 15.24
N TYR A 192 -16.10 -12.34 13.98
CA TYR A 192 -16.11 -13.68 13.40
C TYR A 192 -14.94 -14.53 13.88
N GLN A 193 -14.00 -13.98 14.65
CA GLN A 193 -12.93 -14.75 15.24
C GLN A 193 -13.28 -15.21 16.65
N ALA A 194 -13.65 -14.27 17.52
CA ALA A 194 -13.92 -14.59 18.91
C ALA A 194 -15.21 -15.40 19.06
N ASP A 195 -16.24 -15.05 18.30
CA ASP A 195 -17.48 -15.81 18.40
C ASP A 195 -17.32 -17.23 17.85
N ARG A 196 -16.34 -17.46 16.97
CA ARG A 196 -16.03 -18.83 16.58
C ARG A 196 -15.14 -19.52 17.59
N LEU A 197 -14.31 -18.75 18.29
CA LEU A 197 -13.57 -19.28 19.44
C LEU A 197 -14.50 -19.82 20.51
N GLN A 198 -15.57 -19.07 20.81
CA GLN A 198 -16.52 -19.53 21.81
C GLN A 198 -17.38 -20.67 21.27
N SER A 199 -17.80 -20.56 20.00
CA SER A 199 -18.73 -21.52 19.42
C SER A 199 -18.12 -22.90 19.17
N ASP A 200 -16.80 -23.05 19.30
CA ASP A 200 -16.15 -24.28 18.89
C ASP A 200 -15.16 -24.80 19.91
N PHE A 201 -14.12 -24.01 20.20
CA PHE A 201 -12.98 -24.47 20.98
C PHE A 201 -13.07 -24.02 22.44
N ALA A 202 -14.27 -24.11 23.04
CA ALA A 202 -14.47 -23.58 24.38
C ALA A 202 -14.03 -24.53 25.48
N ALA A 203 -13.89 -25.82 25.18
CA ALA A 203 -13.45 -26.77 26.20
C ALA A 203 -12.03 -26.50 26.65
N LEU A 204 -11.22 -25.84 25.83
CA LEU A 204 -9.83 -25.61 26.18
C LEU A 204 -9.63 -24.48 27.18
N LEU A 205 -10.57 -23.55 27.27
CA LEU A 205 -10.36 -22.31 28.02
C LEU A 205 -11.11 -22.35 29.35
N THR A 206 -10.42 -21.93 30.41
CA THR A 206 -10.95 -22.08 31.76
C THR A 206 -11.90 -20.93 32.13
N GLY A 207 -11.41 -19.70 32.07
CA GLY A 207 -12.25 -18.54 32.24
C GLY A 207 -12.75 -18.05 30.89
N PRO A 208 -13.94 -17.46 30.88
CA PRO A 208 -14.53 -17.03 29.60
C PRO A 208 -13.69 -15.95 28.92
N LEU A 209 -13.90 -15.83 27.61
CA LEU A 209 -13.28 -14.75 26.85
C LEU A 209 -13.78 -13.41 27.34
N GLN A 210 -12.89 -12.41 27.36
CA GLN A 210 -13.24 -11.06 27.79
C GLN A 210 -13.16 -10.14 26.58
N ARG A 211 -14.33 -9.77 26.05
CA ARG A 211 -14.42 -8.95 24.86
C ARG A 211 -14.90 -7.54 25.20
N ASN A 212 -14.87 -6.68 24.19
CA ASN A 212 -15.31 -5.32 24.17
C ASN A 212 -16.42 -5.20 23.12
N PRO A 213 -17.49 -4.45 23.40
CA PRO A 213 -18.52 -4.25 22.36
C PRO A 213 -17.97 -3.82 21.01
N LEU A 214 -16.72 -3.39 20.97
CA LEU A 214 -15.97 -3.20 19.72
C LEU A 214 -15.00 -4.33 19.42
N CYS A 215 -15.02 -5.42 20.21
CA CYS A 215 -14.02 -6.48 20.10
C CYS A 215 -12.61 -5.90 20.16
N ASN A 216 -12.45 -4.82 20.93
CA ASN A 216 -11.23 -4.04 20.90
C ASN A 216 -10.09 -4.73 21.66
N LEU A 217 -10.41 -5.42 22.75
CA LEU A 217 -9.44 -6.24 23.47
C LEU A 217 -10.05 -7.61 23.75
N LEU A 218 -9.20 -8.63 23.70
CA LEU A 218 -9.59 -10.00 24.02
C LEU A 218 -8.61 -10.53 25.07
N SER A 219 -9.10 -10.72 26.28
CA SER A 219 -8.33 -11.32 27.37
C SER A 219 -9.01 -12.63 27.76
N PHE A 220 -8.20 -13.65 28.08
CA PHE A 220 -8.71 -15.00 27.96
C PHE A 220 -7.66 -15.98 28.46
N THR A 221 -8.12 -16.98 29.20
CA THR A 221 -7.26 -17.90 29.92
C THR A 221 -7.73 -19.32 29.65
N TYR A 222 -6.77 -20.24 29.63
CA TYR A 222 -6.93 -21.41 28.77
C TYR A 222 -5.76 -22.37 28.98
N LYS A 223 -5.97 -23.67 28.76
CA LYS A 223 -5.00 -24.68 29.17
C LYS A 223 -4.75 -25.69 28.05
N LEU A 224 -3.49 -25.96 27.73
CA LEU A 224 -3.19 -27.06 26.82
C LEU A 224 -3.37 -28.37 27.56
N ASP A 225 -4.53 -28.99 27.38
CA ASP A 225 -4.81 -30.28 28.00
C ASP A 225 -4.94 -31.35 26.91
N GLN A 229 -1.43 -33.06 29.53
CA GLN A 229 -1.66 -32.84 30.96
C GLN A 229 -2.12 -31.42 31.26
N SER A 230 -1.94 -31.01 32.52
CA SER A 230 -2.34 -29.69 32.98
C SER A 230 -1.21 -28.71 32.71
N PHE A 231 -1.40 -27.84 31.72
CA PHE A 231 -0.46 -26.77 31.40
C PHE A 231 -1.23 -25.50 31.19
N PRO A 232 -1.49 -24.73 32.25
CA PRO A 232 -2.28 -23.51 32.13
C PRO A 232 -1.55 -22.47 31.28
N PHE A 233 -2.31 -21.46 30.87
CA PHE A 233 -1.75 -20.26 30.25
C PHE A 233 -2.73 -19.12 30.46
N CYS A 234 -2.25 -17.91 30.20
CA CYS A 234 -3.09 -16.74 30.08
C CYS A 234 -2.47 -15.83 29.04
N ALA A 235 -3.31 -15.08 28.33
CA ALA A 235 -2.80 -14.17 27.31
C ALA A 235 -3.77 -13.02 27.14
N ARG A 236 -3.28 -11.96 26.50
CA ARG A 236 -4.05 -10.74 26.29
C ARG A 236 -3.81 -10.27 24.87
N LEU A 237 -4.82 -10.41 24.01
CA LEU A 237 -4.77 -9.81 22.69
C LEU A 237 -5.11 -8.33 22.79
N LEU A 238 -4.20 -7.48 22.31
CA LEU A 238 -4.39 -6.03 22.34
C LEU A 238 -4.47 -5.54 20.90
N TYR A 239 -5.70 -5.36 20.42
CA TYR A 239 -5.98 -4.74 19.13
C TYR A 239 -5.95 -3.23 19.33
N LYS A 240 -5.17 -2.52 18.52
CA LYS A 240 -5.27 -1.07 18.50
C LYS A 240 -5.29 -0.46 17.11
N ASP A 241 -4.78 -1.14 16.08
CA ASP A 241 -4.96 -0.70 14.71
C ASP A 241 -6.39 -1.04 14.29
N LEU A 242 -7.27 -0.04 14.28
CA LEU A 242 -8.68 -0.23 13.97
C LEU A 242 -8.92 -0.71 12.55
N THR A 243 -7.91 -0.73 11.68
CA THR A 243 -8.15 -1.08 10.29
C THR A 243 -7.97 -2.58 10.05
N ALA A 244 -6.95 -3.17 10.65
CA ALA A 244 -6.61 -4.58 10.44
C ALA A 244 -7.42 -5.48 11.37
N THR A 245 -7.38 -6.77 11.08
CA THR A 245 -8.13 -7.77 11.82
C THR A 245 -7.26 -8.57 12.79
N LEU A 246 -5.94 -8.43 12.73
CA LEU A 246 -5.04 -9.08 13.67
C LEU A 246 -4.40 -8.05 14.61
N PRO A 247 -4.03 -8.47 15.84
CA PRO A 247 -3.67 -7.49 16.89
C PRO A 247 -2.41 -6.68 16.62
N THR A 248 -2.00 -5.91 17.63
CA THR A 248 -0.81 -5.07 17.54
C THR A 248 0.12 -5.30 18.73
N ASP A 249 -0.44 -5.71 19.88
CA ASP A 249 0.35 -6.04 21.06
C ASP A 249 -0.16 -7.34 21.65
N VAL A 250 0.74 -8.20 22.09
CA VAL A 250 0.39 -9.53 22.56
C VAL A 250 1.15 -9.83 23.84
N THR A 251 0.45 -10.44 24.80
CA THR A 251 1.04 -10.89 26.05
C THR A 251 0.72 -12.37 26.23
N VAL A 252 1.57 -13.10 26.96
CA VAL A 252 1.39 -14.54 27.14
C VAL A 252 1.81 -14.94 28.56
N THR A 253 1.55 -14.07 29.53
CA THR A 253 1.92 -14.33 30.92
C THR A 253 0.99 -15.39 31.51
N CYS A 254 1.51 -16.59 31.74
CA CYS A 254 0.78 -17.66 32.39
C CYS A 254 1.00 -17.65 33.90
N GLN A 255 -0.09 -17.79 34.66
CA GLN A 255 0.01 -17.96 36.10
C GLN A 255 0.55 -19.35 36.41
N GLY A 256 1.69 -19.41 37.09
CA GLY A 256 2.28 -20.67 37.45
C GLY A 256 3.31 -21.22 36.49
N VAL A 257 4.07 -20.35 35.81
CA VAL A 257 5.13 -20.81 34.92
C VAL A 257 6.31 -21.27 35.75
N GLU A 258 6.79 -22.48 35.46
CA GLU A 258 7.95 -23.03 36.14
C GLU A 258 9.22 -22.71 35.36
N VAL A 259 10.27 -22.32 36.09
CA VAL A 259 11.54 -21.98 35.44
C VAL A 259 12.20 -23.21 34.85
N LEU A 260 12.03 -24.37 35.50
CA LEU A 260 12.66 -25.60 34.98
C LEU A 260 12.04 -26.03 33.66
N SER A 261 10.72 -25.88 33.51
CA SER A 261 10.03 -26.28 32.29
C SER A 261 10.13 -25.14 31.29
N THR A 262 11.12 -25.22 30.40
CA THR A 262 11.19 -24.23 29.33
C THR A 262 10.09 -24.42 28.30
N SER A 263 9.35 -25.53 28.37
CA SER A 263 8.24 -25.73 27.44
C SER A 263 7.18 -24.64 27.56
N TRP A 264 7.13 -23.95 28.70
CA TRP A 264 6.32 -22.74 28.79
C TRP A 264 6.88 -21.73 27.80
N GLU A 265 8.11 -21.28 28.05
CA GLU A 265 8.83 -20.40 27.15
C GLU A 265 8.73 -20.84 25.70
N GLU A 266 8.98 -22.12 25.42
CA GLU A 266 8.96 -22.59 24.05
C GLU A 266 7.57 -22.50 23.45
N GLN A 267 6.53 -22.69 24.26
CA GLN A 267 5.16 -22.54 23.76
C GLN A 267 4.65 -21.12 23.90
N ARG A 268 5.01 -20.42 24.99
CA ARG A 268 4.64 -19.01 25.14
C ARG A 268 5.10 -18.19 23.94
N ALA A 269 6.31 -18.46 23.44
CA ALA A 269 6.82 -17.72 22.29
C ALA A 269 6.02 -18.03 21.03
N SER A 270 5.67 -19.30 20.82
CA SER A 270 4.80 -19.66 19.71
C SER A 270 3.35 -19.27 19.94
N HIS A 271 2.99 -18.86 21.16
CA HIS A 271 1.64 -18.36 21.40
C HIS A 271 1.52 -16.89 21.00
N GLU A 272 2.52 -16.06 21.36
CA GLU A 272 2.52 -14.66 20.93
C GLU A 272 2.65 -14.54 19.42
N THR A 273 3.71 -15.15 18.87
CA THR A 273 4.04 -14.95 17.46
C THR A 273 2.87 -15.36 16.55
N LEU A 274 2.28 -16.52 16.81
CA LEU A 274 1.19 -16.97 15.95
C LEU A 274 -0.07 -16.16 16.14
N PHE A 275 -0.26 -15.53 17.32
CA PHE A 275 -1.36 -14.59 17.45
C PHE A 275 -1.11 -13.31 16.66
N CYS A 276 0.14 -13.04 16.28
CA CYS A 276 0.49 -11.83 15.55
C CYS A 276 0.34 -11.97 14.05
N THR A 277 0.35 -13.19 13.53
CA THR A 277 0.34 -13.39 12.09
C THR A 277 -0.78 -14.31 11.61
N LYS A 278 -1.47 -15.03 12.49
CA LYS A 278 -2.55 -15.91 12.09
C LYS A 278 -3.77 -15.68 12.96
N PRO A 279 -4.97 -15.77 12.40
CA PRO A 279 -6.20 -15.53 13.17
C PRO A 279 -6.35 -16.51 14.33
N LEU A 280 -7.29 -16.19 15.22
CA LEU A 280 -7.55 -17.00 16.39
C LEU A 280 -8.03 -18.40 15.99
N HIS A 281 -9.18 -18.45 15.31
CA HIS A 281 -9.81 -19.73 14.98
C HIS A 281 -8.93 -20.61 14.11
N GLN A 282 -7.85 -20.06 13.52
CA GLN A 282 -6.97 -20.83 12.66
C GLN A 282 -5.80 -21.45 13.41
N VAL A 283 -5.43 -20.94 14.59
CA VAL A 283 -4.37 -21.57 15.37
C VAL A 283 -4.91 -22.56 16.40
N PHE A 284 -6.12 -22.33 16.91
CA PHE A 284 -6.74 -23.31 17.81
C PHE A 284 -7.00 -24.65 17.12
N ALA A 285 -7.07 -24.67 15.79
CA ALA A 285 -7.17 -25.91 15.05
C ALA A 285 -5.81 -26.48 14.67
N SER A 286 -4.75 -25.68 14.77
CA SER A 286 -3.40 -26.12 14.47
C SER A 286 -2.67 -26.71 15.66
N PHE A 287 -3.19 -26.51 16.88
CA PHE A 287 -2.55 -27.01 18.09
C PHE A 287 -3.40 -28.05 18.82
N THR A 288 -4.39 -28.63 18.13
CA THR A 288 -5.13 -29.78 18.63
C THR A 288 -5.31 -30.84 17.55
N ARG A 289 -4.74 -30.65 16.37
CA ARG A 289 -4.85 -31.58 15.26
C ARG A 289 -4.63 -33.03 15.69
N GLU B 22 -3.55 -6.93 62.36
CA GLU B 22 -4.75 -6.14 62.12
C GLU B 22 -4.72 -5.50 60.72
N GLY B 23 -5.78 -4.78 60.38
CA GLY B 23 -6.01 -4.33 59.01
C GLY B 23 -5.01 -3.33 58.48
N LEU B 24 -4.27 -2.65 59.37
CA LEU B 24 -3.29 -1.66 58.92
C LEU B 24 -2.23 -2.28 58.02
N ALA B 25 -1.89 -3.56 58.25
CA ALA B 25 -0.95 -4.24 57.35
C ALA B 25 -1.46 -4.24 55.92
N LEU B 26 -2.78 -4.35 55.74
CA LEU B 26 -3.35 -4.20 54.41
C LEU B 26 -3.32 -2.75 53.96
N LEU B 27 -3.64 -1.82 54.86
CA LEU B 27 -3.65 -0.40 54.51
C LEU B 27 -2.25 0.19 54.42
N GLN B 28 -1.24 -0.50 54.97
CA GLN B 28 0.12 0.03 54.95
C GLN B 28 0.69 0.10 53.53
N GLU B 29 0.24 -0.78 52.64
CA GLU B 29 0.81 -0.81 51.30
C GLU B 29 0.29 0.30 50.41
N GLU B 30 -0.95 0.74 50.62
CA GLU B 30 -1.53 1.74 49.73
C GLU B 30 -1.33 3.18 50.20
N ILE B 31 -0.92 3.39 51.45
CA ILE B 31 -0.57 4.74 51.87
C ILE B 31 0.66 5.22 51.11
N ASP B 32 1.49 4.28 50.64
CA ASP B 32 2.65 4.61 49.82
C ASP B 32 2.34 4.55 48.34
N LYS B 33 1.41 3.66 47.93
CA LYS B 33 1.04 3.56 46.53
C LYS B 33 0.58 4.90 45.98
N MET B 34 -0.14 5.69 46.78
CA MET B 34 -0.58 7.00 46.31
C MET B 34 0.55 8.02 46.32
N VAL B 35 1.39 8.02 47.36
CA VAL B 35 2.49 8.97 47.43
C VAL B 35 3.51 8.66 46.34
N GLU B 36 3.62 7.40 45.95
CA GLU B 36 4.47 7.04 44.81
C GLU B 36 4.01 7.71 43.53
N THR B 37 2.70 7.97 43.40
CA THR B 37 2.15 8.52 42.17
C THR B 37 1.81 10.00 42.26
N THR B 38 1.36 10.49 43.43
CA THR B 38 1.07 11.92 43.54
C THR B 38 2.36 12.75 43.57
N GLU B 39 3.45 12.16 44.06
CA GLU B 39 4.74 12.80 43.89
C GLU B 39 5.31 12.54 42.50
N LEU B 40 4.74 11.55 41.79
CA LEU B 40 5.10 11.29 40.40
C LEU B 40 4.44 12.28 39.46
N MET B 41 3.22 12.73 39.76
CA MET B 41 2.54 13.63 38.84
C MET B 41 3.16 15.02 38.85
N THR B 42 3.56 15.52 40.03
CA THR B 42 3.97 16.91 40.13
C THR B 42 5.24 17.18 39.33
N GLY B 43 6.10 16.18 39.20
CA GLY B 43 7.33 16.36 38.45
C GLY B 43 7.24 15.82 37.04
N ASN B 44 6.57 14.69 36.86
CA ASN B 44 6.57 14.05 35.54
C ASN B 44 5.50 14.64 34.62
N ILE B 45 4.42 15.19 35.16
CA ILE B 45 3.35 15.69 34.30
C ILE B 45 3.58 17.15 33.92
N GLN B 46 3.56 18.05 34.91
CA GLN B 46 3.60 19.47 34.56
C GLN B 46 4.93 19.87 33.94
N SER B 47 6.04 19.30 34.42
CA SER B 47 7.33 19.64 33.81
C SER B 47 7.34 19.27 32.33
N LEU B 48 6.93 18.04 32.01
CA LEU B 48 6.78 17.66 30.61
C LEU B 48 5.84 18.62 29.88
N LYS B 49 4.73 19.01 30.50
CA LYS B 49 3.86 20.03 29.92
C LYS B 49 4.61 21.34 29.71
N ASN B 50 5.35 21.78 30.73
CA ASN B 50 6.01 23.08 30.68
C ASN B 50 7.06 23.11 29.56
N LYS B 51 7.79 22.00 29.39
CA LYS B 51 8.89 21.95 28.45
C LYS B 51 8.45 21.52 27.05
N ILE B 52 7.15 21.42 26.80
CA ILE B 52 6.65 21.20 25.45
C ILE B 52 6.49 22.51 24.70
N GLN B 53 5.87 23.51 25.33
CA GLN B 53 5.86 24.83 24.71
C GLN B 53 7.28 25.35 24.53
N ILE B 54 8.23 24.86 25.33
CA ILE B 54 9.62 25.29 25.18
C ILE B 54 10.24 24.68 23.92
N LEU B 55 10.00 23.39 23.71
CA LEU B 55 10.47 22.77 22.48
C LEU B 55 9.69 23.28 21.28
N ALA B 56 8.36 23.36 21.40
CA ALA B 56 7.55 23.81 20.27
C ALA B 56 7.98 25.19 19.81
N SER B 57 8.55 25.99 20.70
CA SER B 57 9.13 27.27 20.29
C SER B 57 10.29 27.06 19.34
N GLU B 58 11.31 26.32 19.79
CA GLU B 58 12.48 26.07 18.94
C GLU B 58 12.13 25.19 17.75
N VAL B 59 11.19 24.26 17.90
CA VAL B 59 10.79 23.42 16.78
C VAL B 59 10.24 24.26 15.64
N GLU B 60 9.39 25.24 15.96
CA GLU B 60 8.89 26.15 14.95
C GLU B 60 10.03 26.89 14.25
N GLU B 61 11.05 27.29 15.00
CA GLU B 61 12.04 28.22 14.49
C GLU B 61 12.83 27.61 13.33
N GLU B 62 13.53 26.50 13.59
CA GLU B 62 14.41 25.93 12.57
C GLU B 62 13.65 25.53 11.31
N GLU B 63 12.37 25.18 11.45
CA GLU B 63 11.53 24.95 10.28
C GLU B 63 11.55 26.17 9.38
N GLU B 64 11.45 27.36 9.97
CA GLU B 64 11.55 28.58 9.19
C GLU B 64 12.94 28.76 8.60
N ARG B 65 13.98 28.31 9.31
CA ARG B 65 15.33 28.43 8.78
C ARG B 65 15.52 27.57 7.54
N VAL B 66 14.78 26.47 7.43
CA VAL B 66 14.81 25.69 6.21
C VAL B 66 13.67 26.04 5.26
N LYS B 67 12.57 26.64 5.77
CA LYS B 67 11.66 27.36 4.88
C LYS B 67 12.36 28.49 4.15
N GLN B 68 13.52 28.92 4.64
CA GLN B 68 14.39 29.82 3.90
C GLN B 68 14.96 29.14 2.66
N MET B 69 15.11 27.81 2.70
CA MET B 69 15.72 27.07 1.60
C MET B 69 14.75 26.23 0.81
N HIS B 70 13.56 25.94 1.33
CA HIS B 70 12.52 25.32 0.54
C HIS B 70 11.23 26.12 0.73
N GLN B 71 10.38 26.11 -0.30
CA GLN B 71 9.12 26.82 -0.21
C GLN B 71 8.19 26.15 0.81
N ILE B 72 7.31 26.95 1.41
CA ILE B 72 6.36 26.45 2.40
C ILE B 72 5.52 25.35 1.77
N ASN B 73 4.59 25.73 0.91
CA ASN B 73 3.76 24.77 0.17
C ASN B 73 4.30 24.56 -1.23
N LEU B 78 -0.73 20.45 -4.49
CA LEU B 78 -1.62 19.31 -4.33
C LEU B 78 -1.78 18.95 -2.85
N SER B 79 -2.48 17.84 -2.58
CA SER B 79 -2.72 17.39 -1.22
C SER B 79 -2.06 16.03 -0.97
N LEU B 80 -0.73 15.97 -1.11
CA LEU B 80 -0.03 14.70 -0.96
C LEU B 80 -0.20 14.18 0.48
N PRO B 81 -0.62 12.94 0.63
CA PRO B 81 -0.97 12.41 1.97
C PRO B 81 0.23 11.92 2.73
N GLU B 82 0.00 11.63 4.01
CA GLU B 82 1.06 11.25 4.94
C GLU B 82 1.35 9.75 4.85
N LEU B 83 2.60 9.39 5.11
CA LEU B 83 3.00 7.99 5.23
C LEU B 83 3.11 7.59 6.69
N SER B 84 2.78 6.33 6.97
CA SER B 84 2.81 5.86 8.34
C SER B 84 4.24 5.82 8.87
N GLN B 85 4.35 5.56 10.17
CA GLN B 85 5.65 5.22 10.74
C GLN B 85 6.19 3.93 10.13
N LYS B 86 5.33 3.11 9.54
CA LYS B 86 5.74 1.80 9.07
C LYS B 86 6.36 1.84 7.67
N THR B 87 5.87 2.70 6.79
CA THR B 87 6.50 2.86 5.48
C THR B 87 7.96 3.29 5.63
N LEU B 88 8.26 4.06 6.68
CA LEU B 88 9.60 4.60 6.86
C LEU B 88 10.51 3.59 7.53
N LYS B 89 9.94 2.75 8.39
CA LYS B 89 10.65 1.67 9.06
C LYS B 89 10.89 0.48 8.14
N ALA B 90 10.39 0.52 6.91
CA ALA B 90 10.75 -0.48 5.93
C ALA B 90 12.23 -0.37 5.57
N PRO B 91 12.84 -1.46 5.11
CA PRO B 91 14.26 -1.41 4.76
C PRO B 91 14.49 -0.48 3.57
N THR B 92 15.40 0.48 3.74
CA THR B 92 15.73 1.43 2.68
C THR B 92 16.10 0.67 1.42
N LEU B 93 15.27 0.77 0.39
CA LEU B 93 15.40 -0.12 -0.75
C LEU B 93 16.73 0.03 -1.48
N GLN B 94 17.49 1.10 -1.23
CA GLN B 94 18.82 1.18 -1.83
C GLN B 94 19.76 0.16 -1.19
N LYS B 95 19.79 0.12 0.14
CA LYS B 95 20.60 -0.90 0.81
C LYS B 95 20.11 -2.31 0.51
N GLU B 96 18.82 -2.48 0.23
CA GLU B 96 18.34 -3.82 -0.06
C GLU B 96 18.76 -4.29 -1.45
N ILE B 97 18.89 -3.37 -2.41
CA ILE B 97 19.36 -3.77 -3.73
C ILE B 97 20.79 -4.29 -3.65
N LEU B 98 21.60 -3.66 -2.79
CA LEU B 98 23.01 -4.03 -2.65
C LEU B 98 23.16 -5.38 -1.97
N ALA B 99 22.52 -5.54 -0.81
CA ALA B 99 22.59 -6.79 -0.07
C ALA B 99 21.95 -7.94 -0.83
N LEU B 100 21.06 -7.64 -1.79
CA LEU B 100 20.27 -8.72 -2.41
C LEU B 100 21.15 -9.60 -3.28
N ILE B 101 22.07 -8.99 -4.02
CA ILE B 101 22.90 -9.69 -4.99
C ILE B 101 24.32 -9.77 -4.43
N PRO B 102 24.89 -10.97 -4.32
CA PRO B 102 26.29 -11.08 -3.88
C PRO B 102 27.25 -10.80 -5.02
N ASN B 103 28.51 -10.57 -4.63
CA ASN B 103 29.59 -10.14 -5.54
C ASN B 103 29.12 -9.00 -6.45
N GLN B 104 28.63 -7.94 -5.79
CA GLN B 104 28.12 -6.78 -6.52
C GLN B 104 29.23 -6.04 -7.24
N ASN B 105 30.43 -5.97 -6.66
CA ASN B 105 31.51 -5.22 -7.28
C ASN B 105 31.99 -5.92 -8.55
N ALA B 106 31.74 -7.23 -8.65
CA ALA B 106 31.96 -7.95 -9.89
C ALA B 106 30.92 -7.61 -10.94
N LEU B 107 29.78 -7.06 -10.53
CA LEU B 107 28.74 -6.65 -11.47
C LEU B 107 29.00 -5.28 -12.05
N LEU B 108 29.38 -4.31 -11.21
CA LEU B 108 29.45 -2.92 -11.65
C LEU B 108 30.49 -2.74 -12.74
N LYS B 109 31.62 -3.45 -12.65
CA LYS B 109 32.65 -3.37 -13.68
C LYS B 109 32.07 -3.72 -15.04
N ASP B 110 31.46 -4.90 -15.15
CA ASP B 110 30.70 -5.28 -16.34
C ASP B 110 29.26 -4.82 -16.20
N LEU B 111 29.09 -3.50 -16.25
CA LEU B 111 27.77 -2.88 -16.19
C LEU B 111 27.84 -1.49 -16.81
N ASP B 112 29.04 -0.88 -16.74
CA ASP B 112 29.28 0.35 -17.48
C ASP B 112 29.17 0.09 -18.99
N ILE B 113 29.79 -0.99 -19.45
CA ILE B 113 29.80 -1.31 -20.88
C ILE B 113 28.42 -1.65 -21.41
N LEU B 114 27.43 -1.86 -20.53
CA LEU B 114 26.07 -2.07 -21.01
C LEU B 114 25.40 -0.76 -21.39
N HIS B 115 25.41 0.22 -20.48
CA HIS B 115 24.91 1.55 -20.83
C HIS B 115 25.76 2.22 -21.90
N ASN B 116 27.05 1.88 -21.95
CA ASN B 116 27.99 2.59 -22.82
C ASN B 116 27.66 2.38 -24.29
N SER B 117 27.59 1.12 -24.73
CA SER B 117 27.57 0.84 -26.16
C SER B 117 26.37 1.51 -26.82
N SER B 118 26.55 1.83 -28.10
CA SER B 118 25.56 2.61 -28.83
C SER B 118 24.24 1.89 -29.00
N GLN B 119 24.21 0.56 -28.80
CA GLN B 119 22.96 -0.17 -29.01
C GLN B 119 21.88 0.27 -28.02
N MET B 120 22.24 0.42 -26.74
CA MET B 120 21.23 0.70 -25.73
C MET B 120 20.75 2.14 -25.79
N LYS B 121 21.58 3.07 -26.27
CA LYS B 121 21.17 4.46 -26.39
C LYS B 121 19.99 4.64 -27.33
N SER B 122 19.79 3.69 -28.25
CA SER B 122 18.65 3.74 -29.17
C SER B 122 17.40 3.15 -28.55
N MET B 123 17.56 2.18 -27.65
CA MET B 123 16.40 1.55 -27.01
C MET B 123 15.83 2.41 -25.90
N SER B 124 16.70 3.07 -25.12
CA SER B 124 16.22 3.91 -24.03
C SER B 124 15.36 5.05 -24.55
N THR B 125 15.79 5.71 -25.64
CA THR B 125 14.98 6.76 -26.22
C THR B 125 13.76 6.21 -26.94
N PHE B 126 13.85 5.01 -27.52
CA PHE B 126 12.71 4.42 -28.19
C PHE B 126 11.53 4.25 -27.25
N ILE B 127 11.79 3.70 -26.06
CA ILE B 127 10.70 3.43 -25.11
C ILE B 127 10.09 4.74 -24.62
N GLU B 128 10.91 5.75 -24.39
CA GLU B 128 10.38 7.03 -23.92
C GLU B 128 9.78 7.85 -25.05
N GLU B 129 10.41 7.86 -26.22
CA GLU B 129 9.90 8.67 -27.33
C GLU B 129 8.54 8.18 -27.80
N ALA B 130 8.20 6.92 -27.53
CA ALA B 130 6.89 6.37 -27.85
C ALA B 130 5.89 6.58 -26.72
N TYR B 131 6.33 6.45 -25.46
CA TYR B 131 5.43 6.68 -24.34
C TYR B 131 4.93 8.12 -24.30
N LYS B 132 5.70 9.07 -24.85
CA LYS B 132 5.37 10.47 -24.64
C LYS B 132 4.09 10.86 -25.37
N LYS B 133 3.82 10.26 -26.53
CA LYS B 133 2.68 10.66 -27.33
C LYS B 133 1.41 9.91 -26.99
N LEU B 134 1.52 8.72 -26.40
CA LEU B 134 0.31 7.98 -26.01
C LEU B 134 -0.38 8.60 -24.81
N ASP B 135 0.38 9.30 -23.95
CA ASP B 135 -0.22 9.94 -22.79
C ASP B 135 -1.02 11.18 -23.16
N ALA B 136 -0.73 11.79 -24.32
CA ALA B 136 -1.53 12.92 -24.78
C ALA B 136 -2.73 12.47 -25.60
N SER B 137 -2.57 11.44 -26.42
CA SER B 137 -3.67 10.90 -27.21
C SER B 137 -3.99 9.47 -26.77
N LYS C 315 -11.71 0.51 57.25
CA LYS C 315 -11.75 1.68 56.38
C LYS C 315 -10.97 1.40 55.11
N LYS C 316 -11.59 0.59 54.25
CA LYS C 316 -11.00 0.21 52.98
C LYS C 316 -11.51 1.04 51.81
N ARG C 317 -12.51 1.90 52.03
CA ARG C 317 -13.15 2.62 50.92
C ARG C 317 -12.27 3.75 50.41
N GLN C 318 -11.86 4.67 51.29
CA GLN C 318 -11.29 5.94 50.84
C GLN C 318 -10.08 5.73 49.94
N ARG C 319 -9.12 4.92 50.38
CA ARG C 319 -7.92 4.71 49.58
C ARG C 319 -8.17 3.87 48.33
N MET C 320 -9.36 3.32 48.16
CA MET C 320 -9.67 2.72 46.86
C MET C 320 -10.08 3.79 45.87
N ILE C 321 -11.22 4.45 46.12
CA ILE C 321 -11.75 5.40 45.16
C ILE C 321 -10.81 6.60 44.98
N GLU C 322 -9.96 6.87 45.96
CA GLU C 322 -9.07 8.02 45.85
C GLU C 322 -7.70 7.68 45.27
N VAL C 323 -7.16 6.50 45.58
CA VAL C 323 -5.86 6.13 45.03
C VAL C 323 -5.99 5.48 43.66
N GLN C 324 -7.05 4.69 43.43
CA GLN C 324 -7.18 4.01 42.15
C GLN C 324 -7.56 5.00 41.06
N ASP C 325 -8.53 5.89 41.33
CA ASP C 325 -8.86 6.93 40.36
C ASP C 325 -7.71 7.91 40.18
N GLU C 326 -6.86 8.06 41.20
CA GLU C 326 -5.65 8.85 41.07
C GLU C 326 -4.77 8.32 39.94
N LEU C 327 -4.41 7.03 40.01
CA LEU C 327 -3.52 6.47 38.99
C LEU C 327 -4.22 6.35 37.64
N LEU C 328 -5.52 6.05 37.63
CA LEU C 328 -6.25 5.95 36.37
C LEU C 328 -6.47 7.30 35.71
N ARG C 329 -6.39 8.39 36.46
CA ARG C 329 -6.53 9.73 35.89
C ARG C 329 -5.20 10.33 35.45
N LEU C 330 -4.10 9.91 36.06
CA LEU C 330 -2.81 10.53 35.81
C LEU C 330 -1.91 9.70 34.90
N GLU C 331 -2.20 8.42 34.75
CA GLU C 331 -1.40 7.58 33.81
C GLU C 331 -1.65 7.97 32.36
N PRO C 332 -2.89 8.13 31.88
CA PRO C 332 -3.04 8.55 30.47
C PRO C 332 -2.57 9.98 30.23
N GLN C 333 -2.78 10.88 31.19
CA GLN C 333 -2.26 12.24 31.05
C GLN C 333 -0.75 12.24 30.92
N LEU C 334 -0.08 11.24 31.51
CA LEU C 334 1.38 11.19 31.46
C LEU C 334 1.87 10.79 30.06
N LYS C 335 1.36 9.67 29.54
CA LYS C 335 1.85 9.17 28.26
C LYS C 335 1.62 10.15 27.13
N GLN C 336 0.51 10.90 27.17
CA GLN C 336 0.30 11.97 26.20
C GLN C 336 1.40 13.02 26.28
N LEU C 337 2.09 13.12 27.42
CA LEU C 337 3.19 14.06 27.57
C LEU C 337 4.53 13.41 27.26
N GLN C 338 4.72 12.15 27.68
CA GLN C 338 5.93 11.42 27.32
C GLN C 338 6.09 11.32 25.80
N THR C 339 4.98 11.09 25.10
CA THR C 339 5.06 10.88 23.66
C THR C 339 5.13 12.20 22.89
N LYS C 340 4.33 13.20 23.27
CA LYS C 340 4.42 14.50 22.60
C LYS C 340 5.76 15.17 22.88
N TYR C 341 6.29 15.02 24.09
CA TYR C 341 7.63 15.51 24.37
C TYR C 341 8.66 14.80 23.49
N ASP C 342 8.44 13.51 23.22
CA ASP C 342 9.25 12.78 22.27
C ASP C 342 8.76 12.92 20.83
N GLU C 343 7.54 13.41 20.63
CA GLU C 343 7.05 13.67 19.28
C GLU C 343 7.81 14.84 18.64
N LEU C 344 8.27 15.78 19.47
CA LEU C 344 9.03 16.93 19.00
C LEU C 344 10.54 16.75 19.13
N LYS C 345 11.01 15.99 20.12
CA LYS C 345 12.42 15.68 20.20
C LYS C 345 12.86 14.86 19.00
N GLU C 346 12.02 13.92 18.56
CA GLU C 346 12.33 13.17 17.34
C GLU C 346 12.20 14.05 16.12
N ARG C 347 11.39 15.11 16.20
CA ARG C 347 11.31 16.08 15.11
C ARG C 347 12.50 17.03 15.13
N LYS C 348 12.97 17.42 16.31
CA LYS C 348 14.16 18.26 16.38
C LYS C 348 15.37 17.53 15.83
N SER C 349 15.45 16.22 16.05
CA SER C 349 16.53 15.44 15.46
C SER C 349 16.46 15.50 13.95
N SER C 350 15.26 15.36 13.41
CA SER C 350 15.10 15.27 11.96
C SER C 350 15.47 16.59 11.28
N LEU C 351 15.07 17.72 11.87
CA LEU C 351 15.30 19.01 11.22
C LEU C 351 16.78 19.33 11.10
N ARG C 352 17.58 18.96 12.11
CA ARG C 352 19.02 19.14 12.00
C ARG C 352 19.67 18.11 11.08
N ASN C 353 18.92 17.10 10.64
CA ASN C 353 19.40 16.13 9.65
C ASN C 353 19.04 16.57 8.24
N ALA C 354 17.77 16.89 8.00
CA ALA C 354 17.34 17.34 6.68
C ALA C 354 18.06 18.62 6.28
N ALA C 355 18.33 19.50 7.24
CA ALA C 355 19.13 20.68 6.95
C ALA C 355 20.55 20.30 6.58
N TYR C 356 21.11 19.30 7.27
CA TYR C 356 22.44 18.81 6.93
C TYR C 356 22.45 18.19 5.54
N PHE C 357 21.43 17.41 5.20
CA PHE C 357 21.42 16.69 3.92
C PHE C 357 21.27 17.66 2.75
N LEU C 358 20.46 18.71 2.92
CA LEU C 358 20.37 19.72 1.86
C LEU C 358 21.62 20.58 1.84
N SER C 359 22.21 20.84 3.01
CA SER C 359 23.37 21.72 3.04
C SER C 359 24.58 21.11 2.35
N ASN C 360 24.55 19.79 2.11
CA ASN C 360 25.61 19.12 1.39
C ASN C 360 25.27 18.88 -0.08
N LEU C 361 24.03 18.47 -0.36
CA LEU C 361 23.68 18.09 -1.73
C LEU C 361 23.71 19.30 -2.67
N LYS C 362 23.23 20.45 -2.20
CA LYS C 362 23.35 21.67 -3.00
C LYS C 362 24.81 22.01 -3.26
N GLN C 363 25.65 21.90 -2.22
CA GLN C 363 27.07 22.18 -2.38
C GLN C 363 27.71 21.18 -3.33
N LEU C 364 27.44 19.88 -3.12
CA LEU C 364 28.11 18.86 -3.92
C LEU C 364 27.79 18.99 -5.40
N TYR C 365 26.52 19.21 -5.75
CA TYR C 365 26.15 19.22 -7.16
C TYR C 365 26.93 20.27 -7.93
N GLN C 366 26.97 21.49 -7.42
CA GLN C 366 27.62 22.57 -8.15
C GLN C 366 29.14 22.58 -7.98
N ASP C 367 29.67 21.81 -7.03
CA ASP C 367 31.10 21.49 -7.07
C ASP C 367 31.39 20.50 -8.19
N TYR C 368 30.55 19.47 -8.33
CA TYR C 368 30.62 18.60 -9.49
C TYR C 368 30.45 19.39 -10.79
N SER C 369 29.68 20.47 -10.74
CA SER C 369 29.51 21.33 -11.92
C SER C 369 30.84 21.91 -12.36
N ASP C 370 31.61 22.46 -11.42
CA ASP C 370 32.86 23.13 -11.77
C ASP C 370 33.93 22.15 -12.23
N VAL C 371 33.83 20.88 -11.83
CA VAL C 371 34.78 19.87 -12.29
C VAL C 371 34.31 19.23 -13.60
N GLN C 372 32.99 19.13 -13.81
CA GLN C 372 32.47 18.67 -15.10
C GLN C 372 33.01 19.53 -16.24
N ALA C 373 33.13 20.83 -16.00
CA ALA C 373 33.63 21.75 -17.01
C ALA C 373 35.15 21.66 -17.18
N GLN C 374 35.85 20.94 -16.32
CA GLN C 374 37.29 20.76 -16.53
C GLN C 374 37.55 19.82 -17.70
N GLU C 375 36.74 18.77 -17.87
CA GLU C 375 36.86 17.90 -19.04
C GLU C 375 35.49 17.63 -19.66
N PRO C 376 35.31 17.92 -20.97
CA PRO C 376 33.99 17.78 -21.60
C PRO C 376 33.54 16.32 -21.65
N ASN C 377 34.36 15.45 -22.22
CA ASN C 377 34.13 14.02 -22.22
C ASN C 377 35.16 13.34 -21.33
N VAL C 378 34.71 12.43 -20.49
CA VAL C 378 35.62 11.75 -19.58
C VAL C 378 34.95 10.48 -19.07
N LYS C 379 35.76 9.45 -18.88
CA LYS C 379 35.33 8.24 -18.22
C LYS C 379 35.04 8.54 -16.75
N GLU C 380 33.92 8.03 -16.25
CA GLU C 380 33.48 8.34 -14.89
C GLU C 380 33.29 7.04 -14.12
N THR C 381 34.26 6.74 -13.26
CA THR C 381 34.18 5.55 -12.41
C THR C 381 33.01 5.64 -11.45
N TYR C 382 32.42 4.49 -11.14
CA TYR C 382 31.24 4.40 -10.29
C TYR C 382 31.63 3.79 -8.96
N ASP C 383 31.19 4.40 -7.86
CA ASP C 383 31.41 3.80 -6.56
C ASP C 383 30.43 2.64 -6.34
N SER C 384 30.64 1.89 -5.26
CA SER C 384 29.72 0.82 -4.90
C SER C 384 28.41 1.39 -4.35
N SER C 385 28.14 2.65 -4.66
CA SER C 385 26.92 3.35 -4.31
C SER C 385 26.01 3.61 -5.49
N SER C 386 26.56 3.96 -6.65
CA SER C 386 25.75 4.16 -7.85
C SER C 386 25.26 2.87 -8.48
N LEU C 387 25.47 1.71 -7.84
CA LEU C 387 25.13 0.45 -8.48
C LEU C 387 23.62 0.22 -8.56
N PRO C 388 22.81 0.47 -7.53
CA PRO C 388 21.37 0.20 -7.66
C PRO C 388 20.69 1.01 -8.74
N ALA C 389 21.17 2.22 -9.03
CA ALA C 389 20.49 3.10 -9.98
C ALA C 389 20.70 2.66 -11.42
N LEU C 390 21.94 2.34 -11.80
CA LEU C 390 22.19 1.81 -13.14
C LEU C 390 21.34 0.57 -13.40
N LEU C 391 21.12 -0.25 -12.38
CA LEU C 391 20.24 -1.40 -12.52
C LEU C 391 18.82 -0.97 -12.81
N PHE C 392 18.40 0.19 -12.31
CA PHE C 392 17.06 0.68 -12.65
C PHE C 392 17.03 1.21 -14.08
N LYS C 393 17.84 2.22 -14.39
CA LYS C 393 17.81 2.80 -15.72
C LYS C 393 18.04 1.78 -16.82
N ALA C 394 18.63 0.62 -16.49
CA ALA C 394 18.82 -0.43 -17.48
C ALA C 394 17.63 -1.37 -17.58
N ARG C 395 16.63 -1.26 -16.70
CA ARG C 395 15.46 -2.12 -16.80
C ARG C 395 14.76 -1.93 -18.14
N THR C 396 14.80 -0.71 -18.69
CA THR C 396 14.22 -0.47 -19.99
C THR C 396 14.88 -1.33 -21.06
N LEU C 397 16.18 -1.63 -20.90
CA LEU C 397 16.84 -2.58 -21.78
C LEU C 397 16.61 -4.02 -21.33
N LEU C 398 16.84 -4.30 -20.05
CA LEU C 398 16.78 -5.66 -19.55
C LEU C 398 15.39 -6.26 -19.73
N GLY C 399 14.36 -5.51 -19.38
CA GLY C 399 12.99 -5.98 -19.52
C GLY C 399 12.28 -5.35 -20.69
N ALA C 400 13.01 -5.21 -21.81
CA ALA C 400 12.40 -4.65 -23.01
C ALA C 400 11.18 -5.45 -23.44
N GLU C 401 11.23 -6.77 -23.26
CA GLU C 401 10.11 -7.66 -23.51
C GLU C 401 8.78 -7.07 -23.06
N SER C 402 8.63 -6.90 -21.74
CA SER C 402 7.38 -6.42 -21.18
C SER C 402 6.99 -5.08 -21.79
N HIS C 403 7.92 -4.13 -21.81
CA HIS C 403 7.67 -2.84 -22.46
C HIS C 403 7.26 -3.05 -23.91
N LEU C 404 8.05 -3.83 -24.64
CA LEU C 404 7.75 -4.08 -26.05
C LEU C 404 6.48 -4.92 -26.21
N ARG C 405 6.14 -5.73 -25.22
CA ARG C 405 4.84 -6.42 -25.25
C ARG C 405 3.73 -5.52 -24.74
N ASN C 406 4.03 -4.60 -23.83
CA ASN C 406 3.00 -3.69 -23.31
C ASN C 406 2.55 -2.70 -24.37
N ILE C 407 3.51 -2.18 -25.16
CA ILE C 407 3.14 -1.25 -26.23
C ILE C 407 2.37 -1.99 -27.33
N ASN C 408 2.62 -3.29 -27.50
CA ASN C 408 1.82 -4.08 -28.43
C ASN C 408 0.35 -4.07 -28.04
N HIS C 409 0.07 -4.18 -26.73
CA HIS C 409 -1.29 -4.07 -26.25
C HIS C 409 -1.74 -2.62 -26.11
N GLN C 410 -0.81 -1.68 -25.94
CA GLN C 410 -1.17 -0.27 -26.06
C GLN C 410 -1.65 0.04 -27.48
N LEU C 411 -1.07 -0.63 -28.47
CA LEU C 411 -1.64 -0.60 -29.81
C LEU C 411 -3.02 -1.21 -29.83
N GLU C 412 -3.28 -2.18 -28.94
CA GLU C 412 -4.60 -2.80 -28.90
C GLU C 412 -5.64 -1.96 -28.16
N LYS C 413 -5.21 -0.97 -27.37
CA LYS C 413 -6.14 0.08 -26.98
C LYS C 413 -6.63 0.83 -28.22
N LEU C 414 -5.73 1.06 -29.16
CA LEU C 414 -6.07 1.68 -30.45
C LEU C 414 -6.40 0.64 -31.51
N LEU C 415 -6.51 -0.64 -31.15
CA LEU C 415 -6.82 -1.66 -32.15
C LEU C 415 -8.25 -1.52 -32.65
N ASP C 416 -9.16 -1.04 -31.80
CA ASP C 416 -10.53 -0.80 -32.24
C ASP C 416 -10.63 0.45 -33.12
N GLN C 417 -9.83 1.47 -32.83
CA GLN C 417 -9.73 2.71 -33.62
C GLN C 417 -11.04 3.16 -34.27
N SER D 53 -45.63 1.22 -24.32
CA SER D 53 -45.25 1.22 -22.91
C SER D 53 -44.43 2.45 -22.56
N LYS D 54 -45.05 3.36 -21.81
CA LYS D 54 -44.41 4.62 -21.43
C LYS D 54 -43.39 4.40 -20.32
N ASP D 55 -43.86 3.99 -19.14
CA ASP D 55 -42.99 3.92 -17.97
C ASP D 55 -41.94 2.81 -18.11
N LEU D 56 -42.22 1.76 -18.89
CA LEU D 56 -41.25 0.69 -19.08
C LEU D 56 -39.97 1.21 -19.74
N LYS D 57 -40.02 2.38 -20.37
CA LYS D 57 -38.80 3.03 -20.83
C LYS D 57 -38.21 3.95 -19.77
N ASN D 58 -39.05 4.59 -18.95
CA ASN D 58 -38.54 5.38 -17.83
C ASN D 58 -37.90 4.51 -16.77
N GLN D 59 -38.26 3.22 -16.72
CA GLN D 59 -37.59 2.33 -15.78
C GLN D 59 -36.13 2.14 -16.15
N LEU D 60 -35.81 2.16 -17.45
CA LEU D 60 -34.42 2.08 -17.86
C LEU D 60 -33.70 3.40 -17.63
N GLY D 61 -34.38 4.53 -17.85
CA GLY D 61 -33.79 5.82 -17.57
C GLY D 61 -33.52 6.07 -16.10
N HIS D 62 -34.20 5.33 -15.22
CA HIS D 62 -33.98 5.45 -13.77
C HIS D 62 -33.06 4.38 -13.21
N LEU D 63 -33.17 3.13 -13.65
CA LEU D 63 -32.24 2.10 -13.18
C LEU D 63 -30.88 2.18 -13.84
N GLU D 64 -30.75 2.91 -14.95
CA GLU D 64 -29.43 3.26 -15.43
C GLU D 64 -28.92 4.54 -14.76
N SER D 65 -29.83 5.42 -14.35
CA SER D 65 -29.45 6.54 -13.48
C SER D 65 -28.84 6.05 -12.18
N GLU D 66 -29.08 4.78 -11.83
CA GLU D 66 -28.45 4.11 -10.71
C GLU D 66 -27.11 3.50 -11.08
N LEU D 67 -26.97 3.04 -12.34
CA LEU D 67 -25.76 2.35 -12.75
C LEU D 67 -24.56 3.30 -12.77
N SER D 68 -24.68 4.42 -13.48
CA SER D 68 -23.58 5.37 -13.52
C SER D 68 -23.29 5.93 -12.13
N PHE D 69 -24.35 6.18 -11.34
CA PHE D 69 -24.18 6.74 -10.01
C PHE D 69 -23.26 5.85 -9.17
N LEU D 70 -23.42 4.54 -9.32
CA LEU D 70 -22.55 3.59 -8.63
C LEU D 70 -21.14 3.63 -9.22
N SER D 71 -21.03 3.61 -10.55
CA SER D 71 -19.72 3.67 -11.20
C SER D 71 -18.93 4.92 -10.81
N THR D 72 -19.63 6.00 -10.42
CA THR D 72 -18.94 7.22 -10.03
C THR D 72 -18.40 7.13 -8.60
N LEU D 73 -19.28 6.89 -7.63
CA LEU D 73 -18.85 6.93 -6.23
C LEU D 73 -17.94 5.74 -5.89
N THR D 74 -18.34 4.54 -6.31
CA THR D 74 -17.51 3.36 -6.06
C THR D 74 -16.15 3.50 -6.74
N GLY D 75 -16.14 4.08 -7.92
CA GLY D 75 -15.04 3.87 -8.84
C GLY D 75 -15.09 2.53 -9.54
N ILE D 76 -16.12 1.74 -9.26
CA ILE D 76 -16.27 0.40 -9.80
C ILE D 76 -17.56 0.38 -10.61
N ASN D 77 -17.46 0.09 -11.90
CA ASN D 77 -18.63 -0.19 -12.70
C ASN D 77 -18.67 -1.68 -13.02
N ILE D 78 -19.76 -2.10 -13.65
CA ILE D 78 -20.01 -3.52 -13.92
C ILE D 78 -20.67 -3.65 -15.27
N ARG D 79 -20.23 -4.63 -16.04
CA ARG D 79 -20.70 -4.81 -17.41
C ARG D 79 -21.40 -6.15 -17.60
N ASN D 80 -20.69 -7.28 -17.53
CA ASN D 80 -21.27 -8.60 -17.78
C ASN D 80 -21.34 -9.41 -16.49
N HIS D 81 -22.53 -9.82 -16.12
CA HIS D 81 -22.76 -10.60 -14.90
C HIS D 81 -23.80 -11.68 -15.20
N SER D 82 -23.33 -12.84 -15.63
CA SER D 82 -24.23 -13.95 -15.88
C SER D 82 -24.58 -14.63 -14.57
N LYS D 83 -25.76 -15.28 -14.54
CA LYS D 83 -26.30 -15.85 -13.32
C LYS D 83 -26.58 -17.33 -13.52
N GLN D 84 -26.14 -18.16 -12.57
CA GLN D 84 -26.22 -19.61 -12.68
C GLN D 84 -26.59 -20.22 -11.34
N THR D 85 -27.60 -21.10 -11.36
CA THR D 85 -28.16 -21.66 -10.14
C THR D 85 -28.04 -23.17 -10.16
N GLU D 86 -27.86 -23.76 -8.98
CA GLU D 86 -27.62 -25.20 -8.83
C GLU D 86 -28.30 -25.70 -7.57
N ASP D 87 -29.21 -26.66 -7.72
CA ASP D 87 -29.86 -27.30 -6.57
C ASP D 87 -29.26 -28.66 -6.33
N LEU D 88 -29.09 -29.01 -5.05
CA LEU D 88 -28.56 -30.31 -4.63
C LEU D 88 -29.54 -30.97 -3.68
N THR D 89 -30.02 -32.15 -4.04
CA THR D 89 -30.99 -32.91 -3.26
C THR D 89 -30.30 -34.13 -2.65
N SER D 90 -30.52 -34.33 -1.37
CA SER D 90 -29.91 -35.45 -0.66
C SER D 90 -30.88 -36.04 0.36
N ILE D 98 -31.26 -26.99 6.05
CA ILE D 98 -30.92 -28.40 5.90
C ILE D 98 -30.54 -28.68 4.44
N ARG D 99 -30.79 -27.70 3.56
CA ARG D 99 -30.60 -27.88 2.12
C ARG D 99 -29.69 -26.79 1.57
N LYS D 100 -28.49 -27.20 1.12
CA LYS D 100 -27.48 -26.28 0.63
C LYS D 100 -27.53 -26.17 -0.89
N VAL D 101 -27.28 -24.96 -1.38
CA VAL D 101 -27.47 -24.62 -2.79
C VAL D 101 -26.29 -23.75 -3.22
N LEU D 102 -25.73 -24.06 -4.39
CA LEU D 102 -24.47 -23.45 -4.83
C LEU D 102 -24.69 -22.65 -6.10
N GLN D 103 -23.99 -21.53 -6.20
CA GLN D 103 -24.01 -20.68 -7.39
C GLN D 103 -22.60 -20.31 -7.80
N ARG D 104 -22.32 -20.42 -9.09
CA ARG D 104 -21.12 -19.84 -9.69
C ARG D 104 -21.54 -18.79 -10.70
N HIS D 105 -20.91 -17.62 -10.63
CA HIS D 105 -21.19 -16.58 -11.61
C HIS D 105 -19.94 -15.75 -11.83
N ARG D 106 -19.74 -15.36 -13.08
CA ARG D 106 -18.53 -14.69 -13.54
C ARG D 106 -18.86 -13.23 -13.84
N LEU D 107 -17.89 -12.35 -13.56
CA LEU D 107 -18.11 -10.91 -13.63
C LEU D 107 -16.85 -10.23 -14.13
N SER D 108 -17.03 -9.21 -14.97
CA SER D 108 -15.92 -8.45 -15.52
C SER D 108 -16.23 -6.96 -15.42
N GLY D 109 -15.38 -6.22 -14.71
CA GLY D 109 -15.52 -4.78 -14.60
C GLY D 109 -14.25 -4.06 -14.99
N ASN D 110 -14.03 -2.86 -14.42
CA ASN D 110 -12.77 -2.14 -14.59
C ASN D 110 -12.70 -0.86 -13.74
N CYS D 111 -11.53 -0.60 -13.16
CA CYS D 111 -11.28 0.58 -12.34
C CYS D 111 -10.21 1.42 -13.02
N HIS D 112 -10.59 2.63 -13.46
CA HIS D 112 -9.65 3.58 -14.05
C HIS D 112 -9.01 2.92 -15.27
N MET D 113 -7.71 2.63 -15.26
CA MET D 113 -7.05 1.89 -16.33
C MET D 113 -7.05 0.38 -16.10
N VAL D 114 -7.45 -0.08 -14.92
CA VAL D 114 -7.29 -1.47 -14.51
C VAL D 114 -8.52 -2.25 -14.95
N THR D 115 -8.32 -3.16 -15.91
CA THR D 115 -9.36 -4.06 -16.40
C THR D 115 -9.01 -5.49 -16.00
N PHE D 116 -10.04 -6.32 -15.82
CA PHE D 116 -9.83 -7.46 -14.94
C PHE D 116 -11.14 -8.24 -14.86
N GLN D 117 -11.03 -9.50 -14.45
CA GLN D 117 -12.16 -10.42 -14.49
C GLN D 117 -12.17 -11.29 -13.24
N LEU D 118 -13.36 -11.54 -12.71
CA LEU D 118 -13.54 -12.34 -11.51
C LEU D 118 -14.44 -13.52 -11.82
N GLU D 119 -13.96 -14.71 -11.50
CA GLU D 119 -14.74 -15.94 -11.62
C GLU D 119 -14.70 -16.65 -10.28
N PHE D 120 -15.86 -16.91 -9.70
CA PHE D 120 -15.86 -17.40 -8.32
C PHE D 120 -17.16 -18.15 -8.05
N GLN D 121 -17.18 -18.83 -6.90
CA GLN D 121 -18.30 -19.68 -6.52
C GLN D 121 -18.63 -19.43 -5.05
N ILE D 122 -19.92 -19.54 -4.72
CA ILE D 122 -20.39 -19.33 -3.35
C ILE D 122 -21.11 -20.58 -2.86
N LEU D 123 -20.80 -21.00 -1.63
CA LEU D 123 -21.53 -22.06 -0.95
C LEU D 123 -22.60 -21.46 -0.04
N GLU D 124 -23.72 -21.09 -0.67
CA GLU D 124 -24.88 -20.58 0.05
C GLU D 124 -25.52 -21.71 0.84
N ILE D 125 -25.13 -21.83 2.11
CA ILE D 125 -25.80 -22.75 3.03
C ILE D 125 -27.14 -22.17 3.42
N GLN D 126 -28.16 -23.02 3.48
CA GLN D 126 -29.52 -22.62 3.80
C GLN D 126 -30.01 -23.38 5.01
N ASN D 127 -30.47 -22.65 6.02
CA ASN D 127 -31.12 -23.21 7.20
C ASN D 127 -31.69 -22.05 7.99
N LYS D 128 -32.94 -22.17 8.44
CA LYS D 128 -33.54 -21.05 9.15
C LYS D 128 -32.84 -20.81 10.48
N GLU D 129 -32.19 -21.82 11.06
CA GLU D 129 -31.37 -21.59 12.25
C GLU D 129 -30.00 -21.00 11.93
N ARG D 130 -29.50 -21.18 10.70
CA ARG D 130 -28.22 -20.60 10.27
C ARG D 130 -28.35 -20.15 8.81
N LEU D 131 -28.63 -18.86 8.61
CA LEU D 131 -28.76 -18.28 7.27
C LEU D 131 -27.43 -17.79 6.71
N SER D 132 -26.32 -18.40 7.11
CA SER D 132 -24.99 -17.89 6.79
C SER D 132 -24.66 -18.13 5.33
N SER D 133 -23.44 -17.74 4.94
CA SER D 133 -22.96 -17.86 3.57
C SER D 133 -21.44 -17.93 3.59
N ALA D 134 -20.88 -18.36 2.47
CA ALA D 134 -19.44 -18.49 2.33
C ALA D 134 -19.09 -18.45 0.85
N VAL D 135 -17.80 -18.57 0.54
CA VAL D 135 -17.34 -18.78 -0.82
C VAL D 135 -16.36 -19.96 -0.80
N THR D 136 -16.32 -20.71 -1.90
CA THR D 136 -15.48 -21.90 -1.96
C THR D 136 -14.21 -21.73 -2.78
N ASP D 137 -14.24 -20.95 -3.86
CA ASP D 137 -13.02 -20.72 -4.64
C ASP D 137 -13.18 -19.53 -5.59
N LEU D 138 -12.27 -18.58 -5.48
CA LEU D 138 -12.11 -17.48 -6.42
C LEU D 138 -10.93 -17.75 -7.33
N ASN D 139 -10.99 -17.20 -8.55
CA ASN D 139 -9.87 -17.27 -9.48
C ASN D 139 -9.83 -15.96 -10.25
N ILE D 140 -8.83 -15.15 -9.98
CA ILE D 140 -8.66 -13.84 -10.61
C ILE D 140 -7.52 -13.95 -11.62
N ILE D 141 -7.72 -13.31 -12.78
CA ILE D 141 -6.68 -13.19 -13.79
C ILE D 141 -6.65 -11.74 -14.26
N MET D 142 -5.45 -11.20 -14.40
CA MET D 142 -5.28 -9.84 -14.86
C MET D 142 -4.17 -9.80 -15.89
N GLU D 143 -3.98 -8.63 -16.49
CA GLU D 143 -3.00 -8.40 -17.54
C GLU D 143 -1.58 -8.39 -16.96
N PRO D 144 -0.61 -8.90 -17.71
CA PRO D 144 0.78 -8.88 -17.23
C PRO D 144 1.34 -7.47 -17.11
N THR D 145 1.35 -6.93 -15.89
CA THR D 145 1.94 -5.63 -15.60
C THR D 145 3.35 -5.82 -15.03
N GLU D 146 4.05 -4.69 -14.88
CA GLU D 146 5.44 -4.73 -14.44
C GLU D 146 5.61 -4.86 -12.94
N CYS D 147 4.53 -4.72 -12.16
CA CYS D 147 4.60 -4.78 -10.71
C CYS D 147 4.13 -6.14 -10.23
N SER D 148 5.02 -6.88 -9.55
CA SER D 148 4.71 -8.22 -9.08
C SER D 148 3.62 -8.23 -8.01
N GLU D 149 3.34 -7.07 -7.42
CA GLU D 149 2.17 -6.95 -6.55
C GLU D 149 0.92 -7.49 -7.23
N LEU D 150 0.78 -7.23 -8.53
CA LEU D 150 -0.36 -7.73 -9.31
C LEU D 150 -0.22 -9.20 -9.70
N SER D 151 0.92 -9.82 -9.42
CA SER D 151 1.05 -11.27 -9.50
C SER D 151 0.84 -11.94 -8.15
N GLU D 152 1.05 -11.22 -7.05
CA GLU D 152 0.66 -11.66 -5.73
C GLU D 152 -0.73 -11.16 -5.34
N PHE D 153 -1.23 -10.13 -6.04
CA PHE D 153 -2.61 -9.69 -5.90
C PHE D 153 -3.57 -10.84 -6.15
N VAL D 154 -3.24 -11.68 -7.12
CA VAL D 154 -3.97 -12.92 -7.33
C VAL D 154 -3.47 -14.02 -6.39
N SER D 155 -2.16 -14.04 -6.14
CA SER D 155 -1.55 -15.18 -5.44
C SER D 155 -2.05 -15.33 -4.02
N ARG D 156 -2.45 -14.23 -3.37
CA ARG D 156 -2.94 -14.31 -2.00
C ARG D 156 -4.45 -14.23 -1.89
N ALA D 157 -5.10 -13.52 -2.82
CA ALA D 157 -6.55 -13.37 -2.75
C ALA D 157 -7.26 -14.71 -2.87
N GLU D 158 -6.59 -15.71 -3.45
CA GLU D 158 -7.18 -17.03 -3.58
C GLU D 158 -7.11 -17.84 -2.30
N GLU D 159 -6.16 -17.54 -1.41
CA GLU D 159 -6.06 -18.21 -0.12
C GLU D 159 -6.82 -17.49 0.99
N ARG D 160 -7.29 -16.26 0.74
CA ARG D 160 -8.14 -15.56 1.69
C ARG D 160 -9.57 -15.41 1.20
N LYS D 161 -9.77 -15.28 -0.11
CA LYS D 161 -11.01 -15.59 -0.82
C LYS D 161 -12.15 -14.59 -0.64
N ASP D 162 -11.98 -13.52 0.13
CA ASP D 162 -13.00 -12.48 0.14
C ASP D 162 -12.68 -11.42 -0.91
N LEU D 163 -13.72 -10.97 -1.61
CA LEU D 163 -13.57 -10.03 -2.70
C LEU D 163 -13.85 -8.59 -2.29
N PHE D 164 -14.41 -8.37 -1.09
CA PHE D 164 -14.60 -7.01 -0.60
C PHE D 164 -13.25 -6.35 -0.31
N MET D 165 -12.35 -7.12 0.31
CA MET D 165 -10.96 -6.67 0.45
C MET D 165 -10.32 -6.45 -0.91
N PHE D 166 -10.64 -7.29 -1.89
CA PHE D 166 -10.15 -7.11 -3.25
C PHE D 166 -10.50 -5.72 -3.77
N PHE D 167 -11.80 -5.40 -3.80
CA PHE D 167 -12.23 -4.07 -4.19
C PHE D 167 -11.91 -3.03 -3.13
N ARG D 168 -11.56 -3.44 -1.91
CA ARG D 168 -11.13 -2.47 -0.89
C ARG D 168 -9.79 -1.87 -1.26
N SER D 169 -8.78 -2.72 -1.49
CA SER D 169 -7.44 -2.23 -1.76
C SER D 169 -7.31 -1.67 -3.17
N LEU D 170 -8.14 -2.14 -4.10
CA LEU D 170 -8.02 -1.64 -5.47
C LEU D 170 -8.41 -0.18 -5.57
N HIS D 171 -9.46 0.25 -4.86
CA HIS D 171 -9.70 1.67 -4.71
C HIS D 171 -8.47 2.37 -4.15
N PHE D 172 -7.88 1.78 -3.11
CA PHE D 172 -6.68 2.36 -2.51
C PHE D 172 -5.51 2.28 -3.46
N PHE D 173 -5.42 1.18 -4.23
CA PHE D 173 -4.28 0.99 -5.12
C PHE D 173 -4.30 2.00 -6.26
N VAL D 174 -5.40 2.07 -7.00
CA VAL D 174 -5.45 3.00 -8.13
C VAL D 174 -5.42 4.44 -7.64
N GLU D 175 -5.91 4.69 -6.43
CA GLU D 175 -5.86 6.04 -5.87
C GLU D 175 -4.42 6.47 -5.61
N TRP D 176 -3.57 5.55 -5.14
CA TRP D 176 -2.14 5.83 -5.05
C TRP D 176 -1.51 5.95 -6.43
N PHE D 177 -1.77 4.97 -7.30
CA PHE D 177 -1.21 5.02 -8.65
C PHE D 177 -1.53 6.34 -9.35
N GLU D 178 -2.64 6.97 -9.02
CA GLU D 178 -2.94 8.24 -9.65
C GLU D 178 -2.17 9.38 -9.00
N TYR D 179 -1.75 9.23 -7.73
CA TYR D 179 -0.76 10.13 -7.18
C TYR D 179 0.55 10.03 -7.95
N ARG D 180 0.95 8.80 -8.30
CA ARG D 180 2.14 8.61 -9.12
C ARG D 180 2.02 9.36 -10.44
N LYS D 181 0.85 9.33 -11.07
CA LYS D 181 0.69 9.99 -12.36
C LYS D 181 0.62 11.51 -12.19
N ARG D 182 -0.20 11.99 -11.26
CA ARG D 182 -0.42 13.43 -11.18
C ARG D 182 0.80 14.17 -10.66
N THR D 183 1.60 13.55 -9.78
CA THR D 183 2.80 14.22 -9.30
C THR D 183 3.88 14.26 -10.36
N PHE D 184 4.14 13.12 -11.03
CA PHE D 184 5.13 13.10 -12.10
C PHE D 184 4.69 13.95 -13.28
N LYS D 185 3.40 14.23 -13.41
CA LYS D 185 2.91 15.22 -14.36
C LYS D 185 2.94 16.64 -13.79
N HIS D 186 2.88 16.79 -12.46
CA HIS D 186 2.97 18.11 -11.84
C HIS D 186 4.43 18.57 -11.71
N LEU D 187 5.35 17.64 -11.51
CA LEU D 187 6.77 18.01 -11.50
C LEU D 187 7.27 18.30 -12.91
N LYS D 188 6.79 17.54 -13.90
CA LYS D 188 7.27 17.71 -15.26
C LYS D 188 6.67 18.93 -15.95
N GLU D 189 5.69 19.58 -15.33
CA GLU D 189 5.19 20.86 -15.82
C GLU D 189 5.86 22.03 -15.10
N LYS D 190 6.33 21.80 -13.87
CA LYS D 190 6.98 22.83 -13.07
C LYS D 190 8.50 22.81 -13.23
N TYR D 191 9.09 21.64 -13.43
CA TYR D 191 10.55 21.50 -13.60
C TYR D 191 10.83 20.59 -14.78
N PRO D 192 10.34 20.90 -15.98
CA PRO D 192 10.47 19.97 -17.11
C PRO D 192 11.89 19.83 -17.62
N ASP D 193 12.82 20.69 -17.19
CA ASP D 193 14.19 20.64 -17.65
C ASP D 193 15.10 19.80 -16.76
N ALA D 194 14.61 19.32 -15.62
CA ALA D 194 15.40 18.51 -14.71
C ALA D 194 14.81 17.14 -14.40
N VAL D 195 13.54 16.90 -14.73
CA VAL D 195 12.88 15.63 -14.46
C VAL D 195 12.70 14.90 -15.78
N TYR D 196 13.06 13.61 -15.79
CA TYR D 196 12.84 12.74 -16.94
C TYR D 196 12.14 11.49 -16.44
N LEU D 197 10.96 11.22 -16.96
CA LEU D 197 10.15 10.10 -16.51
C LEU D 197 10.58 8.86 -17.28
N SER D 198 11.19 7.90 -16.57
CA SER D 198 11.85 6.77 -17.23
C SER D 198 10.90 5.97 -18.11
N GLU D 199 9.63 5.85 -17.71
CA GLU D 199 8.69 5.01 -18.43
C GLU D 199 7.32 5.67 -18.57
N GLY D 200 7.30 6.99 -18.75
CA GLY D 200 6.05 7.71 -18.91
C GLY D 200 5.48 8.21 -17.59
N PRO D 201 4.32 8.87 -17.65
CA PRO D 201 3.69 9.34 -16.40
C PRO D 201 3.31 8.23 -15.44
N SER D 202 3.27 6.97 -15.89
CA SER D 202 3.04 5.83 -15.01
C SER D 202 4.32 5.10 -14.67
N SER D 203 5.47 5.77 -14.77
CA SER D 203 6.74 5.14 -14.51
C SER D 203 6.90 4.80 -13.03
N CYS D 204 7.76 3.82 -12.76
CA CYS D 204 8.03 3.42 -11.39
C CYS D 204 8.86 4.44 -10.64
N SER D 205 9.46 5.41 -11.32
CA SER D 205 10.29 6.37 -10.61
C SER D 205 10.47 7.62 -11.47
N MET D 206 11.51 8.39 -11.18
CA MET D 206 11.78 9.66 -11.84
C MET D 206 13.28 9.91 -11.83
N GLY D 207 13.79 10.37 -12.96
CA GLY D 207 15.16 10.84 -13.04
C GLY D 207 15.25 12.33 -12.76
N ILE D 208 16.36 12.73 -12.13
CA ILE D 208 16.61 14.12 -11.80
C ILE D 208 18.01 14.44 -12.31
N ARG D 209 18.11 15.02 -13.50
CA ARG D 209 19.40 15.31 -14.11
C ARG D 209 19.24 16.42 -15.13
N SER D 210 20.26 16.60 -15.95
CA SER D 210 20.25 17.53 -17.06
C SER D 210 20.97 16.88 -18.22
N ALA D 211 20.81 17.46 -19.40
CA ALA D 211 21.70 17.17 -20.52
C ALA D 211 23.09 17.77 -20.32
N SER D 212 23.35 18.36 -19.15
CA SER D 212 24.66 18.93 -18.84
C SER D 212 25.52 18.03 -17.96
N ARG D 213 24.91 17.36 -16.98
CA ARG D 213 25.61 16.47 -16.07
C ARG D 213 24.90 15.14 -16.11
N PRO D 214 25.19 14.29 -17.11
CA PRO D 214 24.43 13.05 -17.29
C PRO D 214 24.90 11.92 -16.38
N GLY D 215 26.20 11.88 -16.09
CA GLY D 215 26.75 10.81 -15.27
C GLY D 215 26.34 10.86 -13.81
N PHE D 216 25.70 11.95 -13.38
CA PHE D 216 25.22 12.11 -12.01
C PHE D 216 23.75 12.51 -12.04
N GLU D 217 22.88 11.61 -11.60
CA GLU D 217 21.50 11.96 -11.34
C GLU D 217 21.05 11.27 -10.06
N LEU D 218 19.91 11.70 -9.55
CA LEU D 218 19.23 11.02 -8.45
C LEU D 218 17.89 10.54 -8.97
N VAL D 219 17.62 9.25 -8.79
CA VAL D 219 16.32 8.68 -9.12
C VAL D 219 15.61 8.33 -7.82
N ILE D 220 14.47 8.97 -7.60
CA ILE D 220 13.58 8.63 -6.50
C ILE D 220 12.56 7.64 -7.02
N VAL D 221 12.25 6.62 -6.23
CA VAL D 221 11.47 5.48 -6.70
C VAL D 221 10.13 5.48 -5.98
N TRP D 222 9.06 5.67 -6.75
CA TRP D 222 7.69 5.60 -6.27
C TRP D 222 7.25 4.15 -6.36
N ARG D 223 7.12 3.47 -5.22
CA ARG D 223 6.77 2.06 -5.21
C ARG D 223 5.66 1.83 -4.19
N ILE D 224 4.45 1.63 -4.70
CA ILE D 224 3.29 1.29 -3.89
C ILE D 224 3.11 -0.22 -3.90
N GLN D 225 2.78 -0.79 -2.74
CA GLN D 225 2.60 -2.23 -2.62
C GLN D 225 1.46 -2.53 -1.65
N ILE D 226 1.20 -3.82 -1.47
CA ILE D 226 0.12 -4.33 -0.63
C ILE D 226 0.70 -5.39 0.29
N ASP D 227 0.34 -5.34 1.56
CA ASP D 227 1.05 -6.08 2.60
C ASP D 227 0.57 -7.53 2.62
N GLU D 228 0.99 -8.26 3.66
CA GLU D 228 0.51 -9.63 3.83
C GLU D 228 -0.92 -9.64 4.32
N ASP D 229 -1.31 -8.63 5.11
CA ASP D 229 -2.68 -8.55 5.61
C ASP D 229 -3.67 -8.42 4.46
N GLY D 230 -3.26 -7.80 3.36
CA GLY D 230 -4.16 -7.46 2.28
C GLY D 230 -4.46 -5.99 2.16
N LYS D 231 -3.73 -5.14 2.88
CA LYS D 231 -3.95 -3.70 2.88
C LYS D 231 -2.78 -3.02 2.16
N VAL D 232 -2.99 -1.77 1.78
CA VAL D 232 -2.07 -1.07 0.88
C VAL D 232 -0.94 -0.42 1.67
N PHE D 233 0.31 -0.66 1.21
CA PHE D 233 1.50 -0.06 1.80
C PHE D 233 2.41 0.47 0.73
N PRO D 234 2.44 1.76 0.47
CA PRO D 234 3.44 2.35 -0.41
C PRO D 234 4.81 2.43 0.25
N LYS D 235 5.84 2.64 -0.56
CA LYS D 235 7.18 2.81 -0.04
C LYS D 235 8.02 3.58 -1.05
N LEU D 236 8.40 4.78 -0.67
CA LEU D 236 9.05 5.77 -1.52
C LEU D 236 10.41 6.07 -0.90
N ASP D 237 11.44 5.52 -1.50
CA ASP D 237 12.79 5.71 -1.01
C ASP D 237 13.67 6.19 -2.16
N LEU D 238 14.98 6.19 -1.92
CA LEU D 238 15.92 6.92 -2.75
C LEU D 238 16.99 5.99 -3.32
N LEU D 239 17.47 6.35 -4.50
CA LEU D 239 18.64 5.76 -5.13
C LEU D 239 19.61 6.86 -5.53
N THR D 240 20.89 6.52 -5.61
CA THR D 240 21.94 7.49 -5.91
C THR D 240 22.76 7.00 -7.11
N LYS D 241 22.75 7.79 -8.17
CA LYS D 241 23.62 7.59 -9.33
C LYS D 241 24.71 8.66 -9.31
N VAL D 242 25.96 8.24 -9.19
CA VAL D 242 27.05 9.19 -9.00
C VAL D 242 28.36 8.61 -9.50
N PRO D 243 29.24 9.42 -10.10
CA PRO D 243 30.61 8.96 -10.35
C PRO D 243 31.48 9.10 -9.11
N GLN D 244 32.49 8.22 -9.04
CA GLN D 244 33.41 8.27 -7.91
C GLN D 244 34.15 9.59 -7.83
N ARG D 245 34.34 10.26 -8.96
CA ARG D 245 34.99 11.57 -8.97
C ARG D 245 34.28 12.55 -8.04
N ALA D 246 32.95 12.44 -7.91
CA ALA D 246 32.22 13.34 -7.03
C ALA D 246 32.39 12.94 -5.57
N LEU D 247 32.59 11.65 -5.30
CA LEU D 247 32.95 11.24 -3.95
C LEU D 247 34.36 11.68 -3.59
N GLU D 248 35.24 11.81 -4.58
CA GLU D 248 36.60 12.28 -4.30
C GLU D 248 36.59 13.65 -3.64
N LEU D 249 35.56 14.45 -3.88
CA LEU D 249 35.47 15.78 -3.28
C LEU D 249 34.50 15.85 -2.11
N ASP D 250 33.53 14.94 -2.03
CA ASP D 250 32.56 14.95 -0.94
C ASP D 250 33.27 14.73 0.39
N LYS D 251 33.23 15.75 1.27
CA LYS D 251 33.90 15.66 2.56
C LYS D 251 32.95 15.37 3.71
N ASN D 252 31.67 15.74 3.58
CA ASN D 252 30.66 15.38 4.57
C ASN D 252 30.04 14.01 4.34
N ARG D 253 30.15 13.48 3.12
CA ARG D 253 29.69 12.13 2.81
C ARG D 253 28.23 11.94 3.19
N ALA D 254 27.40 12.93 2.88
CA ALA D 254 25.96 12.77 3.01
C ALA D 254 25.36 12.02 1.83
N ILE D 255 26.17 11.73 0.81
CA ILE D 255 25.67 11.04 -0.36
C ILE D 255 25.37 9.58 -0.04
N GLU D 256 26.07 8.99 0.94
CA GLU D 256 25.79 7.61 1.34
C GLU D 256 24.52 7.55 2.18
N THR D 257 24.49 8.29 3.30
CA THR D 257 23.25 8.38 4.08
C THR D 257 22.26 9.25 3.32
N ALA D 258 21.87 8.82 2.13
CA ALA D 258 20.91 9.50 1.29
C ALA D 258 19.53 8.83 1.36
N PRO D 259 19.43 7.48 1.29
CA PRO D 259 18.11 6.87 1.49
C PRO D 259 17.61 6.98 2.91
N LEU D 260 18.48 6.69 3.90
CA LEU D 260 18.07 6.85 5.30
C LEU D 260 17.66 8.29 5.59
N SER D 261 18.37 9.25 4.99
CA SER D 261 17.94 10.64 5.08
C SER D 261 16.67 10.87 4.26
N PHE D 262 16.55 10.23 3.10
CA PHE D 262 15.38 10.46 2.26
C PHE D 262 14.13 9.81 2.84
N ARG D 263 14.26 8.65 3.48
CA ARG D 263 13.10 8.07 4.13
C ARG D 263 12.63 8.92 5.30
N THR D 264 13.48 9.81 5.81
CA THR D 264 13.06 10.82 6.78
C THR D 264 13.00 12.21 6.16
N LEU D 265 13.18 12.31 4.84
CA LEU D 265 13.01 13.59 4.16
C LEU D 265 11.55 13.87 3.85
N VAL D 266 10.81 12.85 3.42
CA VAL D 266 9.37 13.01 3.21
C VAL D 266 8.61 13.11 4.52
N GLY D 267 9.24 12.79 5.65
CA GLY D 267 8.58 12.88 6.93
C GLY D 267 8.26 14.30 7.34
N LEU D 268 9.31 15.13 7.43
CA LEU D 268 9.13 16.51 7.89
C LEU D 268 8.29 17.33 6.93
N LEU D 269 8.34 17.01 5.64
CA LEU D 269 7.78 17.88 4.61
C LEU D 269 6.62 17.28 3.84
N GLY D 270 6.55 15.96 3.74
CA GLY D 270 5.64 15.33 2.81
C GLY D 270 6.27 15.14 1.44
N ILE D 271 5.58 14.36 0.61
CA ILE D 271 6.09 14.06 -0.73
C ILE D 271 6.29 15.34 -1.53
N GLU D 272 5.25 16.18 -1.61
CA GLU D 272 5.30 17.35 -2.49
C GLU D 272 6.39 18.32 -2.06
N ALA D 273 6.57 18.52 -0.75
CA ALA D 273 7.55 19.50 -0.28
C ALA D 273 8.97 18.94 -0.19
N ALA D 274 9.11 17.65 0.12
CA ALA D 274 10.45 17.07 0.18
C ALA D 274 11.09 17.01 -1.19
N LEU D 275 10.32 16.64 -2.21
CA LEU D 275 10.91 16.40 -3.53
C LEU D 275 11.25 17.72 -4.24
N GLU D 276 10.37 18.72 -4.17
CA GLU D 276 10.72 20.00 -4.76
C GLU D 276 11.87 20.67 -3.99
N SER D 277 12.10 20.25 -2.75
CA SER D 277 13.30 20.68 -2.03
C SER D 277 14.53 19.97 -2.58
N LEU D 278 14.42 18.66 -2.86
CA LEU D 278 15.54 17.91 -3.39
C LEU D 278 15.83 18.29 -4.83
N ILE D 279 14.85 18.82 -5.57
CA ILE D 279 15.11 19.32 -6.91
C ILE D 279 15.68 20.73 -6.87
N LYS D 280 15.27 21.55 -5.89
CA LYS D 280 15.82 22.90 -5.78
C LYS D 280 17.26 22.87 -5.26
N SER D 281 17.58 21.91 -4.39
CA SER D 281 18.95 21.69 -3.95
C SER D 281 19.86 21.12 -5.05
N LEU D 282 19.29 20.45 -6.05
CA LEU D 282 20.14 19.95 -7.14
C LEU D 282 20.51 21.07 -8.12
N CYS D 283 19.50 21.72 -8.71
CA CYS D 283 19.71 22.69 -9.78
C CYS D 283 20.73 23.78 -9.44
N ASP E 84 7.71 9.80 -37.92
CA ASP E 84 7.94 8.48 -38.52
C ASP E 84 9.43 8.15 -38.46
N GLU E 85 10.11 8.77 -37.51
CA GLU E 85 11.54 8.61 -37.33
C GLU E 85 11.91 7.26 -36.72
N PHE E 86 10.94 6.42 -36.40
CA PHE E 86 11.19 5.12 -35.81
C PHE E 86 11.39 4.03 -36.85
N MET E 87 10.88 4.22 -38.07
CA MET E 87 11.00 3.19 -39.09
C MET E 87 12.43 2.98 -39.54
N MET E 88 13.33 3.91 -39.24
CA MET E 88 14.76 3.73 -39.47
C MET E 88 15.51 3.41 -38.19
N LEU E 89 14.82 3.40 -37.04
CA LEU E 89 15.37 2.96 -35.77
C LEU E 89 14.98 1.53 -35.42
N LEU E 90 13.80 1.09 -35.86
CA LEU E 90 13.32 -0.25 -35.56
C LEU E 90 14.04 -1.31 -36.37
N SER E 91 14.22 -1.06 -37.67
CA SER E 91 15.03 -1.95 -38.49
C SER E 91 16.45 -2.05 -37.96
N LYS E 92 16.90 -1.03 -37.22
CA LYS E 92 18.19 -1.13 -36.55
C LYS E 92 18.08 -2.02 -35.32
N VAL E 93 16.89 -2.09 -34.71
CA VAL E 93 16.71 -2.90 -33.51
C VAL E 93 16.86 -4.39 -33.82
N GLU E 94 16.40 -4.85 -34.99
CA GLU E 94 16.62 -6.25 -35.34
C GLU E 94 18.06 -6.54 -35.70
N LYS E 95 18.83 -5.53 -36.11
CA LYS E 95 20.28 -5.65 -36.09
C LYS E 95 20.82 -5.55 -34.67
N LEU E 96 20.19 -4.71 -33.84
CA LEU E 96 20.57 -4.64 -32.44
C LEU E 96 20.12 -5.87 -31.66
N SER E 97 18.93 -6.40 -31.96
CA SER E 97 18.44 -7.61 -31.30
C SER E 97 19.55 -8.64 -31.17
N GLU E 98 20.25 -8.89 -32.27
CA GLU E 98 21.52 -9.61 -32.22
C GLU E 98 22.48 -8.85 -31.30
N GLU E 99 22.86 -7.63 -31.68
CA GLU E 99 23.93 -6.92 -30.97
C GLU E 99 23.61 -6.66 -29.51
N ILE E 100 22.33 -6.52 -29.15
CA ILE E 100 21.98 -6.28 -27.75
C ILE E 100 21.89 -7.58 -26.96
N MET E 101 21.37 -8.66 -27.57
CA MET E 101 21.33 -9.92 -26.83
C MET E 101 22.70 -10.55 -26.72
N GLU E 102 23.54 -10.40 -27.76
CA GLU E 102 24.89 -10.95 -27.69
C GLU E 102 25.68 -10.30 -26.57
N ILE E 103 25.66 -8.97 -26.49
CA ILE E 103 26.44 -8.26 -25.48
C ILE E 103 25.81 -8.39 -24.09
N MET E 104 24.51 -8.73 -24.01
CA MET E 104 23.94 -9.08 -22.72
C MET E 104 24.37 -10.48 -22.28
N GLN E 105 24.34 -11.45 -23.20
CA GLN E 105 24.78 -12.80 -22.87
C GLN E 105 26.29 -12.92 -22.80
N ASN E 106 27.04 -12.08 -23.54
CA ASN E 106 28.50 -12.08 -23.42
C ASN E 106 28.96 -11.54 -22.07
N LEU E 107 28.04 -11.00 -21.27
CA LEU E 107 28.35 -10.52 -19.93
C LEU E 107 27.80 -11.56 -18.96
N SER E 108 28.71 -12.36 -18.39
CA SER E 108 28.34 -13.56 -17.64
C SER E 108 27.57 -13.24 -16.36
N SER E 109 27.39 -11.95 -16.05
CA SER E 109 26.66 -11.53 -14.87
C SER E 109 25.21 -11.18 -15.15
N ILE E 110 24.87 -10.89 -16.41
CA ILE E 110 23.47 -10.66 -16.76
C ILE E 110 22.67 -11.94 -16.63
N GLN E 111 23.22 -13.06 -17.09
CA GLN E 111 22.44 -14.30 -17.18
C GLN E 111 22.38 -15.08 -15.86
N ALA E 112 23.17 -14.69 -14.86
CA ALA E 112 23.17 -15.36 -13.57
C ALA E 112 22.30 -14.67 -12.53
N LEU E 113 21.76 -13.50 -12.84
CA LEU E 113 20.89 -12.80 -11.89
C LEU E 113 19.42 -13.10 -12.11
N GLU E 114 18.97 -13.34 -13.35
CA GLU E 114 17.66 -13.95 -13.49
C GLU E 114 17.78 -15.46 -13.31
N GLY E 115 16.64 -16.09 -13.03
CA GLY E 115 16.61 -17.39 -12.42
C GLY E 115 16.52 -17.31 -10.91
N SER E 116 17.04 -16.22 -10.34
CA SER E 116 16.71 -15.80 -8.98
C SER E 116 15.62 -14.73 -9.12
N ARG E 117 14.39 -15.22 -9.30
CA ARG E 117 13.28 -14.32 -9.64
C ARG E 117 12.98 -13.34 -8.51
N GLU E 118 13.46 -13.60 -7.30
CA GLU E 118 13.39 -12.62 -6.22
C GLU E 118 14.11 -11.33 -6.58
N LEU E 119 15.08 -11.42 -7.50
CA LEU E 119 15.78 -10.23 -7.96
C LEU E 119 14.99 -9.48 -9.02
N GLU E 120 13.99 -10.13 -9.62
CA GLU E 120 13.28 -9.54 -10.75
C GLU E 120 12.16 -8.62 -10.31
N ASN E 121 11.58 -8.83 -9.13
CA ASN E 121 10.38 -8.10 -8.73
C ASN E 121 10.67 -6.85 -7.91
N LEU E 122 11.89 -6.69 -7.38
CA LEU E 122 12.28 -5.39 -6.83
C LEU E 122 12.37 -4.36 -7.93
N ILE E 123 13.15 -4.67 -8.98
CA ILE E 123 13.25 -3.81 -10.15
C ILE E 123 11.86 -3.51 -10.69
N GLY E 124 11.04 -4.55 -10.79
CA GLY E 124 9.70 -4.42 -11.33
C GLY E 124 9.65 -4.62 -12.83
N ILE E 125 10.42 -5.56 -13.34
CA ILE E 125 10.44 -5.85 -14.78
C ILE E 125 11.10 -7.20 -14.97
N SER E 126 10.82 -7.84 -16.12
CA SER E 126 11.49 -9.08 -16.45
C SER E 126 12.97 -8.83 -16.72
N CYS E 127 13.76 -9.90 -16.61
CA CYS E 127 15.17 -9.82 -16.93
C CYS E 127 15.67 -10.95 -17.82
N ALA E 128 14.93 -12.05 -17.95
CA ALA E 128 15.29 -13.06 -18.93
C ALA E 128 15.29 -12.45 -20.32
N SER E 129 16.13 -12.99 -21.21
CA SER E 129 16.35 -12.39 -22.51
C SER E 129 16.61 -13.37 -23.64
N HIS E 130 16.86 -14.65 -23.37
CA HIS E 130 17.09 -15.59 -24.45
C HIS E 130 15.78 -16.00 -25.13
N PHE E 131 14.72 -16.15 -24.35
CA PHE E 131 13.39 -16.34 -24.92
C PHE E 131 12.94 -15.11 -25.69
N LEU E 132 13.53 -13.95 -25.38
CA LEU E 132 13.22 -12.66 -25.99
C LEU E 132 13.74 -12.53 -27.41
N LYS E 133 14.44 -13.54 -27.94
CA LYS E 133 14.86 -13.48 -29.33
C LYS E 133 13.66 -13.37 -30.28
N ARG E 134 12.45 -13.65 -29.79
CA ARG E 134 11.25 -13.50 -30.60
C ARG E 134 10.30 -12.43 -30.09
N GLU E 135 10.42 -12.00 -28.84
CA GLU E 135 9.67 -10.82 -28.42
C GLU E 135 10.18 -9.59 -29.17
N MET E 136 11.50 -9.53 -29.41
CA MET E 136 12.03 -8.52 -30.32
C MET E 136 11.34 -8.60 -31.67
N GLN E 137 10.96 -9.82 -32.08
CA GLN E 137 10.20 -10.04 -33.30
C GLN E 137 8.72 -9.74 -33.10
N LYS E 138 8.18 -10.00 -31.89
CA LYS E 138 6.78 -9.67 -31.62
C LYS E 138 6.53 -8.17 -31.66
N THR E 139 7.57 -7.35 -31.53
CA THR E 139 7.47 -5.91 -31.67
C THR E 139 7.93 -5.43 -33.04
N LYS E 140 8.94 -6.07 -33.62
CA LYS E 140 9.22 -5.90 -35.04
C LYS E 140 7.96 -6.20 -35.86
N GLU E 141 7.11 -7.08 -35.36
CA GLU E 141 5.82 -7.35 -36.00
C GLU E 141 4.91 -6.13 -35.94
N LEU E 142 4.58 -5.68 -34.72
CA LEU E 142 3.55 -4.67 -34.56
C LEU E 142 4.06 -3.24 -34.78
N MET E 143 5.37 -3.02 -34.77
CA MET E 143 5.86 -1.67 -35.07
C MET E 143 5.79 -1.36 -36.55
N THR E 144 5.75 -2.37 -37.41
CA THR E 144 5.38 -2.14 -38.80
C THR E 144 3.88 -1.85 -38.91
N LYS E 145 3.10 -2.18 -37.88
CA LYS E 145 1.67 -1.92 -37.90
C LYS E 145 1.31 -0.54 -37.39
N VAL E 146 2.24 0.13 -36.69
CA VAL E 146 1.96 1.43 -36.10
C VAL E 146 1.89 2.50 -37.19
N ASN E 147 3.00 2.70 -37.90
CA ASN E 147 3.17 3.84 -38.80
C ASN E 147 2.43 3.65 -40.12
N LYS E 148 2.11 2.41 -40.51
CA LYS E 148 1.29 2.22 -41.70
C LYS E 148 -0.10 2.82 -41.52
N GLN E 149 -0.67 2.70 -40.32
CA GLN E 149 -1.88 3.42 -40.01
C GLN E 149 -1.57 4.85 -39.61
N LYS E 150 -0.62 5.04 -38.69
CA LYS E 150 -0.26 6.34 -38.14
C LYS E 150 -1.53 7.10 -37.76
N LEU E 151 -2.32 6.44 -36.90
CA LEU E 151 -3.70 6.85 -36.68
C LEU E 151 -3.79 8.25 -36.09
N PHE E 152 -2.77 8.72 -35.38
CA PHE E 152 -2.77 10.09 -34.91
C PHE E 152 -2.22 11.03 -35.98
#